data_1J0A
#
_entry.id   1J0A
#
_cell.length_a   122.340
_cell.length_b   122.340
_cell.length_c   115.031
_cell.angle_alpha   90.00
_cell.angle_beta   90.00
_cell.angle_gamma   120.00
#
_symmetry.space_group_name_H-M   'P 32 2 1'
#
loop_
_entity.id
_entity.type
_entity.pdbx_description
1 polymer '1-aminocyclopropane-1-carboxylate deaminase'
2 non-polymer 'SULFATE ION'
3 non-polymer "PYRIDOXAL-5'-PHOSPHATE"
4 non-polymer 'ISOPROPYL ALCOHOL'
5 water water
#
_entity_poly.entity_id   1
_entity_poly.type   'polypeptide(L)'
_entity_poly.pdbx_seq_one_letter_code
;MHPKIFALLAKFPRVELIPWETPIQYLPNISREIGADVYIKRDDLTGLGIGGNKIRKLEYLLGDALSKGADVVITVGAVH
SNHAFVTGLAAKKLGLDAILVLRGKEELKGNYLLDKIMGIETRVYDAKDSFELMKYAEEIAEELKREGRKPYVIPPGGAS
PIGTLGYVRAVGEIATQSEVKFDSIVVAAGSGGTLAGLSLGLSILNEDIRPVGIAVGRFGEVMTSKLDNLIKEAAELLGV
KVEVRPELYDYSFGEYGKITGEVAQIIRKVGTREGIILDPVYTGKAFYGLVDLARKGELGEKILFIHTGGISGTFHYGDK
LLSLL
;
_entity_poly.pdbx_strand_id   A,B,C
#
# COMPACT_ATOMS: atom_id res chain seq x y z
N MET A 1 30.26 19.29 -14.95
CA MET A 1 28.82 18.94 -15.05
C MET A 1 28.62 17.63 -15.78
N HIS A 2 28.06 16.65 -15.06
CA HIS A 2 27.79 15.34 -15.63
C HIS A 2 26.88 15.48 -16.85
N PRO A 3 27.24 14.83 -17.96
CA PRO A 3 26.44 14.88 -19.20
C PRO A 3 24.96 14.53 -18.94
N LYS A 4 24.75 13.50 -18.12
CA LYS A 4 23.41 13.03 -17.80
C LYS A 4 22.61 14.12 -17.08
N ILE A 5 23.09 14.54 -15.93
CA ILE A 5 22.38 15.57 -15.19
C ILE A 5 22.26 16.83 -16.05
N PHE A 6 23.22 17.04 -16.93
CA PHE A 6 23.23 18.18 -17.82
C PHE A 6 22.06 18.05 -18.81
N ALA A 7 21.91 16.90 -19.45
CA ALA A 7 20.82 16.70 -20.41
C ALA A 7 19.43 16.72 -19.76
N LEU A 8 19.36 16.19 -18.54
CA LEU A 8 18.09 16.14 -17.81
C LEU A 8 17.63 17.53 -17.36
N LEU A 9 18.57 18.43 -17.15
CA LEU A 9 18.22 19.78 -16.71
C LEU A 9 18.18 20.77 -17.89
N ALA A 10 18.65 20.31 -19.05
CA ALA A 10 18.69 21.14 -20.24
C ALA A 10 17.40 21.90 -20.55
N LYS A 11 16.24 21.25 -20.48
CA LYS A 11 15.03 21.97 -20.84
C LYS A 11 14.44 22.89 -19.77
N PHE A 12 15.12 23.03 -18.63
CA PHE A 12 14.60 23.90 -17.61
C PHE A 12 15.24 25.28 -17.61
N PRO A 13 14.41 26.32 -17.50
CA PRO A 13 14.90 27.68 -17.51
C PRO A 13 15.41 28.06 -16.14
N ARG A 14 16.40 28.94 -16.11
CA ARG A 14 16.92 29.39 -14.84
C ARG A 14 17.63 30.70 -15.02
N VAL A 15 17.71 31.46 -13.94
CA VAL A 15 18.38 32.73 -13.97
C VAL A 15 19.73 32.34 -13.41
N GLU A 16 20.81 32.78 -14.05
CA GLU A 16 22.12 32.44 -13.57
C GLU A 16 22.63 33.47 -12.56
N LEU A 17 22.58 33.06 -11.31
CA LEU A 17 22.98 33.88 -10.17
C LEU A 17 24.40 33.54 -9.71
N ILE A 18 24.72 32.25 -9.74
CA ILE A 18 26.02 31.75 -9.30
C ILE A 18 26.93 31.59 -10.53
N PRO A 19 27.93 32.47 -10.66
CA PRO A 19 28.81 32.35 -11.82
C PRO A 19 30.14 31.63 -11.54
N TRP A 20 30.04 30.42 -11.02
CA TRP A 20 31.24 29.61 -10.74
C TRP A 20 30.90 28.43 -9.87
N GLU A 21 31.85 27.51 -9.78
CA GLU A 21 31.69 26.33 -8.95
C GLU A 21 32.23 26.64 -7.57
N THR A 22 31.44 26.40 -6.53
CA THR A 22 31.94 26.64 -5.19
C THR A 22 32.94 25.55 -4.88
N PRO A 23 34.01 25.89 -4.18
CA PRO A 23 35.06 24.96 -3.80
C PRO A 23 34.73 23.91 -2.73
N ILE A 24 35.59 22.90 -2.69
CA ILE A 24 35.53 21.78 -1.77
C ILE A 24 36.88 21.70 -1.11
N GLN A 25 36.88 21.61 0.23
CA GLN A 25 38.11 21.54 0.99
C GLN A 25 38.09 20.37 1.97
N TYR A 26 39.30 19.95 2.32
CA TYR A 26 39.48 18.88 3.29
C TYR A 26 39.63 19.58 4.61
N LEU A 27 39.17 18.95 5.68
CA LEU A 27 39.28 19.54 7.02
C LEU A 27 40.23 18.66 7.84
N PRO A 28 41.54 19.02 7.85
CA PRO A 28 42.59 18.29 8.57
C PRO A 28 42.36 18.08 10.07
N ASN A 29 42.18 19.16 10.80
CA ASN A 29 42.02 19.06 12.24
C ASN A 29 40.75 18.31 12.66
N ILE A 30 39.61 18.64 12.05
CA ILE A 30 38.36 17.96 12.37
C ILE A 30 38.51 16.46 12.03
N SER A 31 39.05 16.19 10.85
CA SER A 31 39.27 14.82 10.37
C SER A 31 40.15 13.99 11.30
N ARG A 32 41.19 14.62 11.86
CA ARG A 32 42.10 13.95 12.78
C ARG A 32 41.32 13.54 14.03
N GLU A 33 40.54 14.48 14.56
CA GLU A 33 39.72 14.24 15.75
C GLU A 33 38.64 13.17 15.63
N ILE A 34 37.79 13.27 14.62
CA ILE A 34 36.71 12.31 14.50
C ILE A 34 37.08 10.95 13.92
N GLY A 35 38.31 10.84 13.40
CA GLY A 35 38.75 9.58 12.84
C GLY A 35 38.12 9.23 11.51
N ALA A 36 37.84 10.24 10.70
CA ALA A 36 37.27 10.02 9.38
C ALA A 36 37.64 11.23 8.53
N ASP A 37 37.68 11.06 7.22
CA ASP A 37 38.02 12.16 6.33
C ASP A 37 36.78 12.97 6.07
N VAL A 38 36.79 14.23 6.47
CA VAL A 38 35.63 15.07 6.21
C VAL A 38 36.02 16.25 5.33
N TYR A 39 35.25 16.45 4.27
CA TYR A 39 35.43 17.54 3.31
C TYR A 39 34.24 18.46 3.42
N ILE A 40 34.38 19.69 2.93
CA ILE A 40 33.27 20.62 3.01
C ILE A 40 33.07 21.31 1.65
N LYS A 41 31.85 21.33 1.15
CA LYS A 41 31.56 22.01 -0.08
C LYS A 41 31.06 23.39 0.35
N ARG A 42 31.74 24.41 -0.14
CA ARG A 42 31.44 25.78 0.23
C ARG A 42 30.26 26.51 -0.40
N ASP A 43 29.05 26.02 -0.23
CA ASP A 43 27.93 26.74 -0.80
C ASP A 43 27.59 28.01 0.03
N ASP A 44 28.44 28.31 1.01
CA ASP A 44 28.28 29.55 1.79
C ASP A 44 28.95 30.65 0.95
N LEU A 45 29.57 30.23 -0.16
CA LEU A 45 30.27 31.16 -1.04
C LEU A 45 29.57 31.28 -2.38
N THR A 46 28.28 30.97 -2.41
CA THR A 46 27.56 31.08 -3.66
C THR A 46 27.52 32.50 -4.20
N GLY A 47 27.90 33.49 -3.39
CA GLY A 47 27.97 34.87 -3.86
C GLY A 47 26.87 35.92 -3.81
N LEU A 48 25.60 35.56 -3.88
CA LEU A 48 24.56 36.58 -3.83
C LEU A 48 24.14 36.88 -2.38
N GLY A 49 24.21 38.15 -1.96
CA GLY A 49 23.84 38.51 -0.60
C GLY A 49 24.71 37.81 0.44
N ILE A 50 24.09 37.00 1.30
CA ILE A 50 24.83 36.25 2.32
C ILE A 50 25.19 34.83 1.82
N GLY A 51 24.97 34.57 0.54
CA GLY A 51 25.27 33.26 -0.01
C GLY A 51 24.44 32.15 0.60
N GLY A 52 24.93 30.91 0.47
CA GLY A 52 24.22 29.77 1.02
C GLY A 52 23.47 28.97 -0.02
N ASN A 53 22.84 27.89 0.43
CA ASN A 53 22.10 26.98 -0.41
C ASN A 53 20.91 27.53 -1.19
N LYS A 54 20.19 28.46 -0.58
CA LYS A 54 18.98 29.03 -1.17
C LYS A 54 19.25 29.76 -2.48
N ILE A 55 20.51 30.10 -2.71
CA ILE A 55 20.82 30.77 -3.94
C ILE A 55 20.66 29.77 -5.10
N ARG A 56 21.05 28.52 -4.90
CA ARG A 56 20.92 27.54 -5.96
C ARG A 56 19.46 27.35 -6.30
N LYS A 57 18.58 27.40 -5.30
CA LYS A 57 17.15 27.21 -5.56
C LYS A 57 16.54 28.39 -6.31
N LEU A 58 16.91 29.59 -5.90
CA LEU A 58 16.42 30.82 -6.50
C LEU A 58 16.70 30.95 -7.99
N GLU A 59 17.77 30.32 -8.48
CA GLU A 59 18.08 30.39 -9.90
C GLU A 59 16.89 29.78 -10.66
N TYR A 60 16.31 28.71 -10.11
CA TYR A 60 15.14 28.07 -10.74
C TYR A 60 13.85 28.76 -10.29
N LEU A 61 13.72 29.02 -8.99
CA LEU A 61 12.51 29.67 -8.51
C LEU A 61 12.31 30.99 -9.23
N LEU A 62 13.38 31.75 -9.44
CA LEU A 62 13.26 33.04 -10.12
C LEU A 62 13.17 32.86 -11.64
N GLY A 63 13.73 31.78 -12.16
CA GLY A 63 13.60 31.54 -13.58
C GLY A 63 12.11 31.32 -13.82
N ASP A 64 11.50 30.56 -12.92
CA ASP A 64 10.08 30.26 -13.01
C ASP A 64 9.21 31.51 -12.85
N ALA A 65 9.62 32.42 -11.98
CA ALA A 65 8.86 33.65 -11.75
C ALA A 65 8.89 34.56 -12.98
N LEU A 66 10.05 34.67 -13.61
CA LEU A 66 10.18 35.50 -14.79
C LEU A 66 9.34 34.91 -15.94
N SER A 67 9.39 33.59 -16.07
CA SER A 67 8.66 32.91 -17.12
C SER A 67 7.17 33.24 -17.06
N LYS A 68 6.60 33.36 -15.87
CA LYS A 68 5.17 33.68 -15.74
C LYS A 68 4.97 35.19 -15.68
N GLY A 69 6.03 35.94 -15.98
CA GLY A 69 5.94 37.38 -15.99
C GLY A 69 5.64 38.07 -14.67
N ALA A 70 5.85 37.35 -13.57
CA ALA A 70 5.59 37.91 -12.24
C ALA A 70 6.27 39.26 -12.04
N ASP A 71 5.61 40.14 -11.31
CA ASP A 71 6.18 41.45 -11.03
C ASP A 71 6.40 41.62 -9.53
N VAL A 72 5.97 40.62 -8.75
CA VAL A 72 6.14 40.68 -7.30
C VAL A 72 6.34 39.29 -6.71
N VAL A 73 7.46 39.11 -6.01
CA VAL A 73 7.76 37.83 -5.39
C VAL A 73 7.45 37.90 -3.89
N ILE A 74 6.78 36.87 -3.40
CA ILE A 74 6.43 36.81 -1.99
C ILE A 74 6.82 35.47 -1.39
N THR A 75 7.40 35.51 -0.20
CA THR A 75 7.77 34.28 0.46
C THR A 75 7.73 34.50 1.97
N VAL A 76 8.01 33.47 2.76
CA VAL A 76 7.94 33.62 4.20
C VAL A 76 9.09 32.97 5.00
N GLY A 77 9.02 33.12 6.32
CA GLY A 77 10.02 32.53 7.18
C GLY A 77 10.04 33.24 8.50
N ALA A 78 10.98 32.86 9.35
CA ALA A 78 11.12 33.50 10.64
C ALA A 78 11.79 34.83 10.33
N VAL A 79 11.85 35.73 11.30
CA VAL A 79 12.49 37.01 11.10
C VAL A 79 13.98 36.85 10.75
N HIS A 80 14.59 35.78 11.24
CA HIS A 80 16.01 35.48 10.99
C HIS A 80 16.20 34.71 9.67
N SER A 81 15.14 34.61 8.89
CA SER A 81 15.19 33.87 7.63
C SER A 81 16.25 34.27 6.60
N ASN A 82 17.09 33.30 6.25
CA ASN A 82 18.14 33.47 5.25
C ASN A 82 17.42 33.46 3.89
N HIS A 83 16.49 32.50 3.76
CA HIS A 83 15.71 32.35 2.55
C HIS A 83 14.97 33.65 2.22
N ALA A 84 14.29 34.23 3.20
CA ALA A 84 13.54 35.45 2.93
C ALA A 84 14.39 36.58 2.43
N PHE A 85 15.52 36.83 3.09
CA PHE A 85 16.42 37.93 2.68
C PHE A 85 16.98 37.77 1.27
N VAL A 86 17.65 36.65 1.00
CA VAL A 86 18.22 36.46 -0.33
C VAL A 86 17.15 36.37 -1.41
N THR A 87 15.96 35.89 -1.06
CA THR A 87 14.87 35.82 -2.04
C THR A 87 14.53 37.28 -2.42
N GLY A 88 14.42 38.12 -1.41
CA GLY A 88 14.09 39.51 -1.66
C GLY A 88 15.18 40.20 -2.44
N LEU A 89 16.43 39.94 -2.04
CA LEU A 89 17.56 40.56 -2.72
C LEU A 89 17.66 40.11 -4.18
N ALA A 90 17.52 38.82 -4.43
CA ALA A 90 17.64 38.30 -5.79
C ALA A 90 16.50 38.81 -6.64
N ALA A 91 15.31 38.93 -6.06
CA ALA A 91 14.17 39.42 -6.84
C ALA A 91 14.38 40.89 -7.21
N LYS A 92 14.84 41.70 -6.26
CA LYS A 92 15.05 43.10 -6.59
C LYS A 92 16.13 43.21 -7.65
N LYS A 93 17.18 42.40 -7.53
CA LYS A 93 18.28 42.41 -8.50
C LYS A 93 17.75 42.17 -9.93
N LEU A 94 16.71 41.34 -10.04
CA LEU A 94 16.10 41.03 -11.34
C LEU A 94 14.93 41.96 -11.69
N GLY A 95 14.90 43.14 -11.07
CA GLY A 95 13.83 44.08 -11.34
C GLY A 95 12.46 43.69 -10.81
N LEU A 96 12.39 42.69 -9.94
CA LEU A 96 11.09 42.29 -9.41
C LEU A 96 10.86 42.96 -8.07
N ASP A 97 9.64 42.90 -7.58
CA ASP A 97 9.38 43.50 -6.29
C ASP A 97 9.21 42.35 -5.28
N ALA A 98 9.44 42.61 -4.02
CA ALA A 98 9.31 41.53 -3.06
C ALA A 98 8.65 41.93 -1.75
N ILE A 99 7.89 41.00 -1.19
CA ILE A 99 7.25 41.20 0.09
C ILE A 99 7.61 39.99 0.95
N LEU A 100 8.33 40.24 2.04
CA LEU A 100 8.72 39.19 2.95
C LEU A 100 7.72 39.11 4.10
N VAL A 101 7.11 37.93 4.28
CA VAL A 101 6.14 37.68 5.34
C VAL A 101 6.83 36.87 6.46
N LEU A 102 7.28 37.59 7.49
CA LEU A 102 8.00 36.99 8.61
C LEU A 102 7.21 36.75 9.90
N ARG A 103 7.94 36.31 10.91
CA ARG A 103 7.38 36.02 12.22
C ARG A 103 8.54 35.99 13.23
N GLY A 104 8.34 36.61 14.40
CA GLY A 104 9.37 36.62 15.42
C GLY A 104 9.60 38.00 16.01
N LYS A 105 10.59 38.13 16.88
CA LYS A 105 10.90 39.40 17.52
C LYS A 105 11.41 40.40 16.48
N GLU A 106 10.78 41.56 16.41
CA GLU A 106 11.21 42.55 15.43
C GLU A 106 12.49 43.31 15.81
N GLU A 107 13.51 42.55 16.22
CA GLU A 107 14.78 43.16 16.58
C GLU A 107 15.61 43.47 15.33
N LEU A 108 16.31 44.60 15.33
CA LEU A 108 17.15 44.98 14.20
C LEU A 108 18.47 44.22 14.23
N LYS A 109 18.43 42.96 13.80
CA LYS A 109 19.62 42.14 13.81
C LYS A 109 19.52 41.07 12.75
N GLY A 110 20.64 40.41 12.47
CA GLY A 110 20.66 39.36 11.49
C GLY A 110 20.05 39.74 10.15
N ASN A 111 19.42 38.76 9.52
CA ASN A 111 18.79 38.98 8.22
C ASN A 111 17.68 40.02 8.27
N TYR A 112 17.03 40.16 9.41
CA TYR A 112 15.95 41.13 9.52
C TYR A 112 16.51 42.52 9.30
N LEU A 113 17.64 42.78 9.95
CA LEU A 113 18.33 44.05 9.81
C LEU A 113 18.67 44.23 8.33
N LEU A 114 19.30 43.19 7.75
CA LEU A 114 19.69 43.23 6.35
C LEU A 114 18.47 43.52 5.49
N ASP A 115 17.34 42.93 5.84
CA ASP A 115 16.12 43.21 5.08
C ASP A 115 15.85 44.73 5.03
N LYS A 116 15.86 45.38 6.20
CA LYS A 116 15.59 46.81 6.30
C LYS A 116 16.62 47.65 5.56
N ILE A 117 17.90 47.32 5.74
CA ILE A 117 18.98 48.05 5.10
C ILE A 117 18.81 48.08 3.58
N MET A 118 18.40 46.95 3.01
CA MET A 118 18.24 46.88 1.57
C MET A 118 16.89 47.43 1.15
N GLY A 119 16.07 47.76 2.14
CA GLY A 119 14.77 48.29 1.85
C GLY A 119 13.81 47.24 1.30
N ILE A 120 13.92 46.00 1.78
CA ILE A 120 13.00 44.97 1.32
C ILE A 120 11.73 45.09 2.16
N GLU A 121 10.58 45.04 1.49
CA GLU A 121 9.30 45.16 2.17
C GLU A 121 9.09 43.98 3.13
N THR A 122 8.92 44.33 4.40
CA THR A 122 8.74 43.37 5.48
C THR A 122 7.38 43.46 6.18
N ARG A 123 6.69 42.32 6.29
CA ARG A 123 5.39 42.24 6.95
C ARG A 123 5.43 41.15 8.03
N VAL A 124 5.57 41.56 9.29
CA VAL A 124 5.63 40.61 10.41
C VAL A 124 4.26 40.30 11.04
N TYR A 125 3.95 39.01 11.19
CA TYR A 125 2.69 38.57 11.77
C TYR A 125 2.86 37.81 13.09
N ASP A 126 1.77 37.69 13.85
CA ASP A 126 1.77 37.00 15.14
C ASP A 126 1.83 35.46 15.05
N ALA A 127 1.77 34.92 13.83
CA ALA A 127 1.80 33.48 13.58
C ALA A 127 2.85 32.70 14.36
N LYS A 128 2.72 31.37 14.34
CA LYS A 128 3.63 30.47 15.05
C LYS A 128 4.39 29.51 14.17
N ASP A 129 3.72 29.01 13.14
CA ASP A 129 4.30 28.05 12.19
C ASP A 129 4.83 28.79 10.95
N SER A 130 5.72 28.15 10.22
CA SER A 130 6.26 28.77 9.00
C SER A 130 5.25 28.55 7.86
N PHE A 131 4.39 27.55 8.01
CA PHE A 131 3.39 27.25 7.00
C PHE A 131 2.08 27.94 7.38
N GLU A 132 2.04 28.39 8.63
CA GLU A 132 0.91 29.18 9.08
C GLU A 132 0.83 30.51 8.33
N LEU A 133 2.05 31.04 8.15
CA LEU A 133 2.23 32.30 7.40
C LEU A 133 1.89 32.10 5.94
N MET A 134 2.05 30.88 5.46
CA MET A 134 1.78 30.56 4.07
C MET A 134 0.43 31.09 3.63
N LYS A 135 -0.53 31.13 4.56
CA LYS A 135 -1.87 31.60 4.23
C LYS A 135 -1.88 33.12 4.23
N TYR A 136 -1.05 33.74 5.06
CA TYR A 136 -0.99 35.19 5.09
C TYR A 136 -0.35 35.71 3.81
N ALA A 137 0.61 34.96 3.27
CA ALA A 137 1.24 35.35 2.03
C ALA A 137 0.17 35.22 0.98
N GLU A 138 -0.47 34.05 0.93
CA GLU A 138 -1.54 33.77 -0.01
C GLU A 138 -2.67 34.79 0.13
N GLU A 139 -2.54 35.65 1.13
CA GLU A 139 -3.53 36.71 1.38
C GLU A 139 -3.00 37.89 0.59
N ILE A 140 -1.77 38.29 0.91
CA ILE A 140 -1.13 39.41 0.24
C ILE A 140 -1.03 39.18 -1.26
N ALA A 141 -0.97 37.91 -1.66
CA ALA A 141 -0.86 37.55 -3.07
C ALA A 141 -2.22 37.61 -3.74
N GLU A 142 -3.05 36.63 -3.40
CA GLU A 142 -4.42 36.49 -3.91
C GLU A 142 -5.12 37.83 -4.08
N GLU A 143 -4.74 38.81 -3.26
CA GLU A 143 -5.35 40.14 -3.35
C GLU A 143 -4.53 41.10 -4.21
N LEU A 144 -3.22 41.17 -3.94
CA LEU A 144 -2.31 42.08 -4.65
C LEU A 144 -2.49 41.99 -6.15
N LYS A 145 -3.12 40.91 -6.59
CA LYS A 145 -3.40 40.69 -8.00
C LYS A 145 -4.73 41.35 -8.33
N ARG A 146 -4.99 42.48 -7.66
CA ARG A 146 -6.19 43.26 -7.85
C ARG A 146 -5.69 44.61 -8.37
N GLU A 147 -4.53 45.02 -7.88
CA GLU A 147 -3.93 46.27 -8.32
C GLU A 147 -3.20 45.92 -9.61
N GLY A 148 -3.81 45.00 -10.36
CA GLY A 148 -3.25 44.52 -11.61
C GLY A 148 -2.18 43.48 -11.36
N ARG A 149 -1.15 43.90 -10.63
CA ARG A 149 0.01 43.09 -10.28
C ARG A 149 -0.20 41.58 -10.27
N LYS A 150 0.86 40.86 -10.65
CA LYS A 150 0.89 39.40 -10.68
C LYS A 150 1.86 39.03 -9.57
N PRO A 151 1.47 38.09 -8.70
CA PRO A 151 2.35 37.69 -7.61
C PRO A 151 2.90 36.29 -7.81
N TYR A 152 4.09 36.04 -7.27
CA TYR A 152 4.69 34.71 -7.36
C TYR A 152 5.00 34.35 -5.92
N VAL A 153 4.39 33.27 -5.42
CA VAL A 153 4.63 32.88 -4.04
C VAL A 153 5.54 31.66 -3.92
N ILE A 154 6.58 31.81 -3.10
CA ILE A 154 7.55 30.74 -2.86
C ILE A 154 7.35 30.10 -1.49
N PRO A 155 7.28 28.77 -1.43
CA PRO A 155 7.10 28.00 -0.19
C PRO A 155 8.27 28.19 0.76
N PRO A 156 8.10 27.77 2.03
CA PRO A 156 9.18 27.91 3.02
C PRO A 156 10.47 27.24 2.55
N GLY A 157 11.58 27.98 2.66
CA GLY A 157 12.88 27.46 2.28
C GLY A 157 13.01 27.13 0.81
N GLY A 158 12.10 27.65 -0.01
CA GLY A 158 12.16 27.38 -1.43
C GLY A 158 11.87 25.92 -1.71
N ALA A 159 11.20 25.25 -0.77
CA ALA A 159 10.88 23.83 -0.90
C ALA A 159 9.85 23.49 -1.99
N SER A 160 9.99 24.13 -3.14
CA SER A 160 9.13 23.89 -4.28
C SER A 160 9.81 22.83 -5.14
N PRO A 161 9.06 22.19 -6.05
CA PRO A 161 9.68 21.16 -6.90
C PRO A 161 10.81 21.69 -7.80
N ILE A 162 10.58 22.79 -8.53
CA ILE A 162 11.66 23.31 -9.37
C ILE A 162 12.77 23.87 -8.50
N GLY A 163 12.42 24.32 -7.32
CA GLY A 163 13.43 24.85 -6.42
C GLY A 163 14.46 23.77 -6.13
N THR A 164 13.97 22.56 -5.95
CA THR A 164 14.79 21.39 -5.66
C THR A 164 15.80 21.06 -6.75
N LEU A 165 15.49 21.40 -8.00
CA LEU A 165 16.42 21.12 -9.09
C LEU A 165 17.77 21.81 -8.83
N GLY A 166 17.74 22.83 -7.97
CA GLY A 166 18.94 23.56 -7.62
C GLY A 166 20.01 22.63 -7.10
N TYR A 167 19.62 21.67 -6.28
CA TYR A 167 20.60 20.73 -5.76
C TYR A 167 20.76 19.46 -6.57
N VAL A 168 20.01 19.35 -7.65
CA VAL A 168 20.19 18.21 -8.53
C VAL A 168 21.44 18.66 -9.29
N ARG A 169 21.40 19.93 -9.68
CA ARG A 169 22.48 20.59 -10.39
C ARG A 169 23.75 20.58 -9.55
N ALA A 170 23.61 20.88 -8.26
CA ALA A 170 24.76 20.88 -7.36
C ALA A 170 25.49 19.54 -7.37
N VAL A 171 24.72 18.44 -7.45
CA VAL A 171 25.28 17.09 -7.49
C VAL A 171 26.08 16.95 -8.77
N GLY A 172 25.58 17.55 -9.85
CA GLY A 172 26.29 17.47 -11.12
C GLY A 172 27.64 18.16 -11.02
N GLU A 173 27.64 19.34 -10.37
CA GLU A 173 28.83 20.15 -10.17
C GLU A 173 29.84 19.34 -9.37
N ILE A 174 29.37 18.80 -8.26
CA ILE A 174 30.21 18.01 -7.36
C ILE A 174 30.79 16.77 -8.04
N ALA A 175 30.03 16.16 -8.95
CA ALA A 175 30.48 14.95 -9.62
C ALA A 175 31.70 15.22 -10.49
N THR A 176 31.64 16.32 -11.23
CA THR A 176 32.69 16.74 -12.14
C THR A 176 33.90 17.41 -11.49
N GLN A 177 33.71 18.11 -10.39
CA GLN A 177 34.83 18.82 -9.76
C GLN A 177 35.63 18.01 -8.77
N SER A 178 34.98 17.18 -7.98
CA SER A 178 35.72 16.44 -6.99
C SER A 178 36.41 15.22 -7.53
N GLU A 179 37.54 14.91 -6.92
CA GLU A 179 38.32 13.76 -7.29
C GLU A 179 38.32 12.83 -6.08
N VAL A 180 37.21 12.84 -5.35
CA VAL A 180 37.04 12.02 -4.17
C VAL A 180 35.82 11.11 -4.23
N LYS A 181 36.07 9.85 -3.88
CA LYS A 181 35.06 8.82 -3.85
C LYS A 181 34.38 8.93 -2.48
N PHE A 182 33.31 9.73 -2.41
CA PHE A 182 32.58 9.95 -1.17
C PHE A 182 31.70 8.79 -0.69
N ASP A 183 31.62 8.62 0.64
CA ASP A 183 30.79 7.57 1.23
C ASP A 183 29.42 8.12 1.56
N SER A 184 29.37 9.38 1.98
CA SER A 184 28.10 10.02 2.28
C SER A 184 28.22 11.52 2.17
N ILE A 185 27.08 12.18 2.02
CA ILE A 185 27.04 13.62 1.93
C ILE A 185 26.08 14.13 2.98
N VAL A 186 26.62 14.80 4.00
CA VAL A 186 25.84 15.32 5.10
C VAL A 186 25.40 16.79 4.95
N VAL A 187 24.09 17.02 5.01
CA VAL A 187 23.51 18.37 4.88
C VAL A 187 22.44 18.63 5.93
N ALA A 188 22.32 19.87 6.38
CA ALA A 188 21.29 20.20 7.35
C ALA A 188 19.95 20.05 6.65
N ALA A 189 18.89 19.80 7.41
CA ALA A 189 17.56 19.64 6.83
C ALA A 189 16.54 20.54 7.50
N GLY A 190 16.03 21.51 6.75
CA GLY A 190 15.04 22.43 7.28
C GLY A 190 13.70 22.11 6.65
N SER A 191 13.62 22.24 5.34
CA SER A 191 12.42 21.92 4.62
C SER A 191 12.69 20.60 3.95
N GLY A 192 13.95 20.18 3.99
CA GLY A 192 14.34 18.93 3.35
C GLY A 192 14.57 19.10 1.86
N GLY A 193 14.31 20.31 1.35
CA GLY A 193 14.49 20.62 -0.07
C GLY A 193 15.89 20.38 -0.62
N THR A 194 16.92 20.81 0.11
CA THR A 194 18.29 20.63 -0.33
C THR A 194 18.61 19.14 -0.37
N LEU A 195 18.28 18.46 0.74
CA LEU A 195 18.48 17.02 0.87
C LEU A 195 17.78 16.31 -0.30
N ALA A 196 16.55 16.74 -0.60
CA ALA A 196 15.78 16.14 -1.70
C ALA A 196 16.58 16.18 -3.02
N GLY A 197 17.07 17.36 -3.36
CA GLY A 197 17.87 17.53 -4.58
C GLY A 197 19.10 16.64 -4.60
N LEU A 198 19.85 16.63 -3.49
CA LEU A 198 21.06 15.82 -3.41
C LEU A 198 20.71 14.34 -3.63
N SER A 199 19.60 13.90 -3.01
CA SER A 199 19.12 12.51 -3.10
C SER A 199 18.79 12.11 -4.51
N LEU A 200 17.93 12.90 -5.15
CA LEU A 200 17.52 12.66 -6.51
C LEU A 200 18.75 12.71 -7.41
N GLY A 201 19.64 13.66 -7.13
CA GLY A 201 20.85 13.79 -7.93
C GLY A 201 21.74 12.56 -7.88
N LEU A 202 22.02 12.08 -6.67
CA LEU A 202 22.84 10.90 -6.49
C LEU A 202 22.12 9.71 -7.15
N SER A 203 20.82 9.67 -6.97
CA SER A 203 19.99 8.64 -7.54
C SER A 203 20.13 8.65 -9.06
N ILE A 204 20.10 9.83 -9.65
CA ILE A 204 20.23 9.93 -11.10
C ILE A 204 21.61 9.45 -11.61
N LEU A 205 22.65 9.61 -10.79
CA LEU A 205 23.98 9.19 -11.20
C LEU A 205 24.22 7.79 -10.72
N ASN A 206 23.20 7.23 -10.07
CA ASN A 206 23.26 5.89 -9.51
C ASN A 206 24.56 5.73 -8.72
N GLU A 207 24.81 6.70 -7.83
CA GLU A 207 26.01 6.68 -7.00
C GLU A 207 25.68 5.95 -5.71
N ASP A 208 26.55 5.04 -5.29
CA ASP A 208 26.30 4.35 -4.04
C ASP A 208 26.82 5.27 -2.93
N ILE A 209 26.23 6.45 -2.85
CA ILE A 209 26.60 7.44 -1.85
C ILE A 209 25.39 7.73 -1.00
N ARG A 210 25.57 7.74 0.31
CA ARG A 210 24.46 7.97 1.21
C ARG A 210 24.13 9.43 1.49
N PRO A 211 22.98 9.91 0.99
CA PRO A 211 22.62 11.29 1.27
C PRO A 211 22.08 11.31 2.70
N VAL A 212 22.77 12.00 3.59
CA VAL A 212 22.38 12.07 4.98
C VAL A 212 21.91 13.47 5.41
N GLY A 213 20.67 13.55 5.87
CA GLY A 213 20.12 14.82 6.30
C GLY A 213 20.18 14.91 7.82
N ILE A 214 20.28 16.13 8.32
CA ILE A 214 20.31 16.36 9.75
C ILE A 214 19.19 17.36 10.03
N ALA A 215 18.07 16.85 10.53
CA ALA A 215 16.92 17.68 10.84
C ALA A 215 17.32 18.58 12.01
N VAL A 216 17.19 19.88 11.80
CA VAL A 216 17.54 20.86 12.81
C VAL A 216 16.33 21.37 13.60
N GLY A 217 15.16 20.87 13.24
CA GLY A 217 13.92 21.24 13.90
C GLY A 217 12.94 20.08 13.91
N ARG A 218 11.65 20.38 13.95
CA ARG A 218 10.59 19.37 13.97
C ARG A 218 11.01 18.21 13.07
N PHE A 219 11.29 17.05 13.65
CA PHE A 219 11.73 15.94 12.82
C PHE A 219 10.84 15.67 11.61
N GLY A 220 9.92 14.73 11.76
CA GLY A 220 9.05 14.41 10.64
C GLY A 220 7.75 13.71 10.94
N GLU A 221 6.76 14.07 10.12
CA GLU A 221 5.41 13.54 10.18
C GLU A 221 4.92 13.99 8.81
N VAL A 222 4.58 15.27 8.74
CA VAL A 222 4.14 15.91 7.50
C VAL A 222 5.41 16.45 6.85
N MET A 223 6.51 16.36 7.59
CA MET A 223 7.81 16.81 7.12
C MET A 223 8.43 15.62 6.39
N THR A 224 8.63 14.53 7.13
CA THR A 224 9.20 13.32 6.56
C THR A 224 8.32 12.86 5.40
N SER A 225 7.11 13.40 5.34
CA SER A 225 6.16 13.05 4.28
C SER A 225 6.29 13.97 3.08
N LYS A 226 6.57 15.24 3.32
CA LYS A 226 6.75 16.16 2.19
C LYS A 226 8.12 15.90 1.55
N LEU A 227 9.06 15.38 2.34
CA LEU A 227 10.39 15.10 1.82
C LEU A 227 10.22 14.16 0.64
N ASP A 228 9.62 13.01 0.89
CA ASP A 228 9.39 12.01 -0.14
C ASP A 228 8.50 12.62 -1.23
N ASN A 229 7.53 13.42 -0.82
CA ASN A 229 6.63 14.08 -1.78
C ASN A 229 7.43 15.06 -2.64
N LEU A 230 8.50 15.62 -2.06
CA LEU A 230 9.33 16.54 -2.80
C LEU A 230 10.21 15.79 -3.77
N ILE A 231 10.77 14.69 -3.31
CA ILE A 231 11.65 13.89 -4.15
C ILE A 231 10.97 13.31 -5.39
N LYS A 232 9.76 12.77 -5.22
CA LYS A 232 9.06 12.18 -6.35
C LYS A 232 8.50 13.25 -7.31
N GLU A 233 8.12 14.42 -6.79
CA GLU A 233 7.59 15.47 -7.64
C GLU A 233 8.66 16.02 -8.58
N ALA A 234 9.82 16.34 -8.03
CA ALA A 234 10.92 16.86 -8.83
C ALA A 234 11.42 15.74 -9.78
N ALA A 235 11.42 14.50 -9.28
CA ALA A 235 11.84 13.38 -10.12
C ALA A 235 10.88 13.19 -11.30
N GLU A 236 9.61 13.59 -11.13
CA GLU A 236 8.64 13.48 -12.21
C GLU A 236 8.93 14.58 -13.21
N LEU A 237 9.41 15.72 -12.69
CA LEU A 237 9.78 16.84 -13.53
C LEU A 237 10.93 16.39 -14.43
N LEU A 238 11.86 15.62 -13.87
CA LEU A 238 12.98 15.16 -14.65
C LEU A 238 12.65 13.89 -15.43
N GLY A 239 11.39 13.48 -15.37
CA GLY A 239 10.95 12.26 -16.05
C GLY A 239 11.84 11.08 -15.68
N VAL A 240 12.20 11.00 -14.40
CA VAL A 240 13.10 9.96 -13.92
C VAL A 240 12.54 9.13 -12.73
N LYS A 241 13.25 8.06 -12.39
CA LYS A 241 12.87 7.16 -11.31
C LYS A 241 13.59 7.56 -10.01
N VAL A 242 13.04 7.14 -8.88
CA VAL A 242 13.66 7.50 -7.61
C VAL A 242 14.12 6.37 -6.69
N GLU A 243 15.45 6.24 -6.54
CA GLU A 243 16.05 5.25 -5.65
C GLU A 243 15.55 5.58 -4.24
N VAL A 244 14.85 4.62 -3.64
CA VAL A 244 14.25 4.77 -2.32
C VAL A 244 15.15 5.00 -1.07
N ARG A 245 14.75 5.98 -0.24
CA ARG A 245 15.38 6.29 1.05
C ARG A 245 16.60 7.17 1.32
N PRO A 246 16.38 8.44 1.67
CA PRO A 246 17.44 9.40 1.99
C PRO A 246 17.46 9.29 3.52
N GLU A 247 18.62 9.10 4.13
CA GLU A 247 18.69 8.99 5.58
C GLU A 247 18.45 10.32 6.29
N LEU A 248 17.94 10.27 7.52
CA LEU A 248 17.62 11.50 8.23
C LEU A 248 17.70 11.34 9.74
N TYR A 249 18.63 12.03 10.37
CA TYR A 249 18.77 11.94 11.82
C TYR A 249 18.32 13.24 12.46
N ASP A 250 18.02 13.17 13.75
CA ASP A 250 17.54 14.32 14.49
C ASP A 250 18.58 14.90 15.43
N TYR A 251 18.94 16.16 15.21
CA TYR A 251 19.89 16.84 16.06
C TYR A 251 19.37 18.25 16.28
N SER A 252 18.05 18.35 16.32
CA SER A 252 17.39 19.64 16.52
C SER A 252 17.55 20.10 17.95
N PHE A 253 18.01 19.19 18.81
CA PHE A 253 18.20 19.49 20.22
C PHE A 253 16.87 19.87 20.87
N GLY A 254 15.78 19.27 20.40
CA GLY A 254 14.48 19.56 20.96
C GLY A 254 13.56 20.41 20.12
N GLU A 255 14.07 21.51 19.58
CA GLU A 255 13.24 22.38 18.76
C GLU A 255 14.04 23.28 17.84
N TYR A 256 13.38 23.68 16.76
CA TYR A 256 13.97 24.58 15.77
C TYR A 256 14.26 25.89 16.48
N GLY A 257 15.48 26.39 16.32
CA GLY A 257 15.85 27.64 16.93
C GLY A 257 16.55 27.48 18.26
N LYS A 258 16.33 26.36 18.93
CA LYS A 258 16.95 26.11 20.22
C LYS A 258 18.47 26.15 20.05
N ILE A 259 19.12 26.97 20.85
CA ILE A 259 20.56 27.18 20.80
C ILE A 259 21.21 26.56 22.04
N THR A 260 22.14 25.63 21.85
CA THR A 260 22.78 25.00 22.99
C THR A 260 24.29 25.11 23.03
N GLY A 261 24.85 24.98 24.23
CA GLY A 261 26.28 25.05 24.42
C GLY A 261 27.06 24.04 23.59
N GLU A 262 26.40 22.96 23.21
CA GLU A 262 27.08 21.97 22.38
C GLU A 262 27.15 22.48 20.94
N VAL A 263 26.09 23.17 20.53
CA VAL A 263 26.03 23.76 19.19
C VAL A 263 26.98 24.96 19.17
N ALA A 264 27.03 25.67 20.29
CA ALA A 264 27.91 26.84 20.44
C ALA A 264 29.33 26.35 20.46
N GLN A 265 29.56 25.20 21.06
CA GLN A 265 30.90 24.64 21.15
C GLN A 265 31.41 24.19 19.79
N ILE A 266 30.50 23.73 18.93
CA ILE A 266 30.91 23.27 17.63
C ILE A 266 31.23 24.49 16.76
N ILE A 267 30.49 25.58 16.96
CA ILE A 267 30.73 26.77 16.19
C ILE A 267 32.11 27.32 16.47
N ARG A 268 32.51 27.31 17.75
CA ARG A 268 33.82 27.81 18.11
C ARG A 268 34.93 26.86 17.62
N LYS A 269 34.66 25.55 17.69
CA LYS A 269 35.63 24.54 17.28
C LYS A 269 36.01 24.62 15.80
N VAL A 270 35.01 24.42 14.94
CA VAL A 270 35.21 24.47 13.49
C VAL A 270 35.78 25.82 13.08
N GLY A 271 35.42 26.86 13.84
CA GLY A 271 35.91 28.18 13.56
C GLY A 271 37.40 28.31 13.82
N THR A 272 37.84 27.92 15.00
CA THR A 272 39.24 28.03 15.38
C THR A 272 40.12 26.89 14.91
N ARG A 273 39.53 25.85 14.36
CA ARG A 273 40.31 24.73 13.91
C ARG A 273 40.38 24.62 12.38
N GLU A 274 39.40 25.20 11.68
CA GLU A 274 39.35 25.14 10.23
C GLU A 274 39.12 26.50 9.61
N GLY A 275 38.95 27.50 10.47
CA GLY A 275 38.76 28.86 10.00
C GLY A 275 37.47 29.08 9.29
N ILE A 276 36.52 28.18 9.52
CA ILE A 276 35.21 28.25 8.90
C ILE A 276 34.11 28.57 9.93
N ILE A 277 33.26 29.52 9.58
CA ILE A 277 32.20 29.99 10.46
C ILE A 277 30.85 29.35 10.25
N LEU A 278 30.39 28.53 11.19
CA LEU A 278 29.08 27.88 11.07
C LEU A 278 28.01 28.72 11.78
N ASP A 279 26.74 28.28 11.72
CA ASP A 279 25.66 29.04 12.36
C ASP A 279 24.80 28.25 13.36
N PRO A 280 24.29 28.92 14.40
CA PRO A 280 23.47 28.31 15.44
C PRO A 280 22.19 27.58 15.02
N VAL A 281 21.47 28.08 14.00
CA VAL A 281 20.24 27.39 13.61
C VAL A 281 20.35 26.19 12.68
N TYR A 282 21.29 26.21 11.74
CA TYR A 282 21.45 25.10 10.77
C TYR A 282 22.78 24.31 10.72
N THR A 283 23.78 24.88 10.04
CA THR A 283 25.06 24.19 9.88
C THR A 283 25.73 23.71 11.17
N GLY A 284 25.68 24.52 12.23
CA GLY A 284 26.28 24.11 13.51
C GLY A 284 25.70 22.80 14.06
N LYS A 285 24.38 22.68 14.04
CA LYS A 285 23.73 21.45 14.51
C LYS A 285 24.05 20.35 13.53
N ALA A 286 23.86 20.64 12.25
CA ALA A 286 24.14 19.67 11.19
C ALA A 286 25.54 19.09 11.31
N PHE A 287 26.52 19.96 11.53
CA PHE A 287 27.91 19.53 11.64
C PHE A 287 28.08 18.77 12.95
N TYR A 288 27.28 19.13 13.94
CA TYR A 288 27.35 18.45 15.22
C TYR A 288 26.91 17.03 14.95
N GLY A 289 25.85 16.89 14.15
CA GLY A 289 25.34 15.59 13.77
C GLY A 289 26.37 14.78 13.00
N LEU A 290 27.23 15.50 12.28
CA LEU A 290 28.31 14.94 11.48
C LEU A 290 29.32 14.27 12.41
N VAL A 291 29.86 15.06 13.33
CA VAL A 291 30.85 14.58 14.27
C VAL A 291 30.33 13.41 15.10
N ASP A 292 29.06 13.50 15.48
CA ASP A 292 28.45 12.43 16.27
C ASP A 292 28.42 11.16 15.44
N LEU A 293 27.66 11.17 14.35
CA LEU A 293 27.56 10.01 13.49
C LEU A 293 28.95 9.46 13.16
N ALA A 294 29.83 10.33 12.67
CA ALA A 294 31.18 9.94 12.28
C ALA A 294 31.92 9.16 13.35
N ARG A 295 32.02 9.73 14.54
CA ARG A 295 32.71 9.06 15.64
C ARG A 295 32.13 7.68 15.94
N LYS A 296 30.82 7.51 15.70
CA LYS A 296 30.13 6.24 15.89
C LYS A 296 30.33 5.40 14.65
N GLY A 297 31.34 5.72 13.85
CA GLY A 297 31.60 4.98 12.63
C GLY A 297 30.33 4.67 11.85
N GLU A 298 29.51 5.67 11.59
CA GLU A 298 28.26 5.44 10.87
C GLU A 298 28.09 6.27 9.61
N LEU A 299 29.15 6.94 9.19
CA LEU A 299 29.06 7.75 8.00
C LEU A 299 30.10 7.35 6.96
N GLY A 300 31.00 6.45 7.35
CA GLY A 300 32.01 5.98 6.42
C GLY A 300 33.37 6.64 6.60
N GLU A 301 34.24 6.44 5.62
CA GLU A 301 35.59 6.99 5.66
C GLU A 301 35.69 8.39 5.06
N LYS A 302 34.98 8.63 3.96
CA LYS A 302 35.03 9.91 3.28
C LYS A 302 33.67 10.60 3.26
N ILE A 303 33.58 11.68 4.02
CA ILE A 303 32.35 12.43 4.19
C ILE A 303 32.41 13.85 3.62
N LEU A 304 31.46 14.19 2.77
CA LEU A 304 31.37 15.53 2.18
C LEU A 304 30.25 16.33 2.85
N PHE A 305 30.65 17.38 3.57
CA PHE A 305 29.69 18.23 4.24
C PHE A 305 29.34 19.41 3.39
N ILE A 306 28.06 19.66 3.20
CA ILE A 306 27.64 20.81 2.44
C ILE A 306 27.48 22.02 3.39
N HIS A 307 28.24 23.08 3.13
CA HIS A 307 28.12 24.27 3.95
C HIS A 307 27.03 25.07 3.25
N THR A 308 25.89 25.22 3.92
CA THR A 308 24.77 25.91 3.31
C THR A 308 24.58 27.35 3.76
N GLY A 309 25.62 27.92 4.35
CA GLY A 309 25.58 29.33 4.75
C GLY A 309 25.12 29.63 6.16
N GLY A 310 24.33 30.69 6.28
CA GLY A 310 23.77 31.09 7.55
C GLY A 310 24.58 32.00 8.46
N ILE A 311 25.67 32.57 7.97
CA ILE A 311 26.48 33.41 8.84
C ILE A 311 25.68 34.50 9.59
N SER A 312 24.59 34.97 9.00
CA SER A 312 23.75 35.96 9.65
C SER A 312 23.26 35.51 11.04
N GLY A 313 22.93 34.21 11.16
CA GLY A 313 22.44 33.68 12.43
C GLY A 313 23.47 33.74 13.54
N THR A 314 24.74 33.81 13.18
CA THR A 314 25.81 33.88 14.16
C THR A 314 25.94 35.32 14.66
N PHE A 315 25.51 36.28 13.86
CA PHE A 315 25.55 37.67 14.31
C PHE A 315 24.27 37.90 15.09
N HIS A 316 23.19 37.33 14.56
CA HIS A 316 21.87 37.44 15.17
C HIS A 316 21.89 36.81 16.59
N TYR A 317 22.04 35.50 16.67
CA TYR A 317 22.07 34.82 17.96
C TYR A 317 23.44 34.79 18.63
N GLY A 318 24.25 35.80 18.34
CA GLY A 318 25.59 35.85 18.89
C GLY A 318 25.74 35.81 20.40
N ASP A 319 25.01 36.64 21.14
CA ASP A 319 25.11 36.74 22.57
C ASP A 319 24.60 35.48 23.23
N LYS A 320 23.55 34.84 22.72
CA LYS A 320 23.01 33.60 23.27
C LYS A 320 24.12 32.57 23.17
N LEU A 321 25.01 32.75 22.19
CA LEU A 321 26.10 31.83 22.03
C LEU A 321 27.21 32.14 23.02
N LEU A 322 27.50 33.42 23.22
CA LEU A 322 28.53 33.79 24.17
C LEU A 322 28.16 33.22 25.53
N SER A 323 26.99 33.63 26.02
CA SER A 323 26.46 33.21 27.31
C SER A 323 26.41 31.69 27.52
N LEU A 324 26.93 30.93 26.55
CA LEU A 324 26.97 29.46 26.59
C LEU A 324 28.39 28.92 26.47
N LEU A 325 29.35 29.83 26.28
CA LEU A 325 30.76 29.45 26.13
C LEU A 325 31.64 30.00 27.28
N MET B 1 -26.83 -7.36 -15.83
CA MET B 1 -27.33 -5.99 -15.51
C MET B 1 -28.77 -5.75 -15.98
N HIS B 2 -29.69 -5.64 -15.03
CA HIS B 2 -31.10 -5.38 -15.35
C HIS B 2 -31.23 -4.09 -16.18
N PRO B 3 -31.97 -4.15 -17.28
CA PRO B 3 -32.16 -2.99 -18.16
C PRO B 3 -32.64 -1.70 -17.50
N LYS B 4 -33.59 -1.78 -16.58
CA LYS B 4 -34.08 -0.57 -15.92
C LYS B 4 -32.93 0.14 -15.19
N ILE B 5 -32.23 -0.60 -14.35
CA ILE B 5 -31.11 -0.03 -13.62
C ILE B 5 -30.02 0.38 -14.61
N PHE B 6 -29.88 -0.40 -15.67
CA PHE B 6 -28.88 -0.09 -16.68
C PHE B 6 -29.12 1.31 -17.26
N ALA B 7 -30.37 1.55 -17.68
CA ALA B 7 -30.70 2.84 -18.24
C ALA B 7 -30.51 3.97 -17.23
N LEU B 8 -30.92 3.73 -15.98
CA LEU B 8 -30.81 4.74 -14.93
C LEU B 8 -29.39 5.13 -14.56
N LEU B 9 -28.46 4.18 -14.61
CA LEU B 9 -27.08 4.45 -14.26
C LEU B 9 -26.21 4.77 -15.50
N ALA B 10 -26.83 4.80 -16.67
CA ALA B 10 -26.12 5.06 -17.94
C ALA B 10 -25.27 6.31 -17.98
N LYS B 11 -25.84 7.45 -17.58
CA LYS B 11 -25.10 8.71 -17.63
C LYS B 11 -24.10 8.91 -16.50
N PHE B 12 -23.86 7.93 -15.66
CA PHE B 12 -22.90 8.15 -14.59
C PHE B 12 -21.55 7.48 -14.83
N PRO B 13 -20.51 8.31 -15.00
CA PRO B 13 -19.15 7.86 -15.25
C PRO B 13 -18.68 7.06 -14.08
N ARG B 14 -17.76 6.15 -14.35
CA ARG B 14 -17.20 5.31 -13.31
C ARG B 14 -16.04 4.51 -13.86
N VAL B 15 -15.08 4.25 -12.98
CA VAL B 15 -13.92 3.46 -13.36
C VAL B 15 -14.28 2.01 -13.12
N GLU B 16 -14.15 1.18 -14.16
CA GLU B 16 -14.45 -0.23 -14.06
C GLU B 16 -13.28 -0.91 -13.34
N LEU B 17 -13.34 -0.90 -12.01
CA LEU B 17 -12.33 -1.47 -11.15
C LEU B 17 -12.58 -2.96 -11.00
N ILE B 18 -13.87 -3.34 -11.02
CA ILE B 18 -14.25 -4.73 -10.89
C ILE B 18 -14.69 -5.22 -12.26
N PRO B 19 -14.03 -6.25 -12.78
CA PRO B 19 -14.31 -6.83 -14.11
C PRO B 19 -15.33 -7.97 -14.18
N TRP B 20 -15.51 -8.71 -13.09
CA TRP B 20 -16.45 -9.82 -13.09
C TRP B 20 -17.57 -9.64 -12.10
N GLU B 21 -18.57 -10.51 -12.21
CA GLU B 21 -19.69 -10.56 -11.30
C GLU B 21 -19.20 -11.48 -10.21
N THR B 22 -19.35 -11.08 -8.97
CA THR B 22 -18.92 -11.95 -7.90
C THR B 22 -20.03 -13.00 -7.74
N PRO B 23 -19.65 -14.21 -7.35
CA PRO B 23 -20.63 -15.28 -7.19
C PRO B 23 -21.52 -15.26 -5.94
N ILE B 24 -22.66 -15.94 -6.07
CA ILE B 24 -23.60 -16.14 -4.97
C ILE B 24 -23.55 -17.66 -4.70
N GLN B 25 -23.32 -18.03 -3.44
CA GLN B 25 -23.25 -19.43 -3.04
C GLN B 25 -24.33 -19.73 -2.01
N TYR B 26 -24.83 -20.96 -2.04
CA TYR B 26 -25.80 -21.42 -1.08
C TYR B 26 -24.98 -21.94 0.10
N LEU B 27 -25.43 -21.70 1.32
CA LEU B 27 -24.71 -22.20 2.47
C LEU B 27 -25.55 -23.29 3.09
N PRO B 28 -25.26 -24.56 2.74
CA PRO B 28 -25.99 -25.72 3.26
C PRO B 28 -25.98 -25.90 4.77
N ASN B 29 -24.79 -26.01 5.37
CA ASN B 29 -24.74 -26.21 6.81
C ASN B 29 -25.44 -25.13 7.62
N ILE B 30 -25.13 -23.87 7.37
CA ILE B 30 -25.76 -22.77 8.12
C ILE B 30 -27.30 -22.78 7.96
N SER B 31 -27.76 -23.06 6.75
CA SER B 31 -29.19 -23.08 6.44
C SER B 31 -29.90 -24.23 7.15
N ARG B 32 -29.24 -25.39 7.17
CA ARG B 32 -29.79 -26.56 7.82
C ARG B 32 -30.01 -26.19 9.30
N GLU B 33 -28.98 -25.58 9.88
CA GLU B 33 -28.97 -25.15 11.28
C GLU B 33 -30.02 -24.11 11.68
N ILE B 34 -30.09 -22.97 11.01
CA ILE B 34 -31.04 -21.93 11.39
C ILE B 34 -32.46 -22.02 10.82
N GLY B 35 -32.74 -23.06 10.04
CA GLY B 35 -34.08 -23.22 9.51
C GLY B 35 -34.50 -22.38 8.33
N ALA B 36 -33.55 -21.75 7.63
CA ALA B 36 -33.91 -20.96 6.46
C ALA B 36 -32.84 -21.10 5.38
N ASP B 37 -33.17 -20.77 4.13
CA ASP B 37 -32.17 -20.87 3.08
C ASP B 37 -31.29 -19.65 3.00
N VAL B 38 -30.02 -19.85 3.30
CA VAL B 38 -29.05 -18.77 3.28
C VAL B 38 -28.02 -18.83 2.16
N TYR B 39 -28.07 -17.83 1.30
CA TYR B 39 -27.10 -17.68 0.20
C TYR B 39 -26.24 -16.44 0.56
N ILE B 40 -25.03 -16.36 0.03
CA ILE B 40 -24.12 -15.26 0.30
C ILE B 40 -23.48 -14.71 -0.97
N LYS B 41 -23.62 -13.40 -1.20
CA LYS B 41 -23.00 -12.78 -2.35
C LYS B 41 -21.55 -12.48 -1.97
N ARG B 42 -20.63 -13.03 -2.74
CA ARG B 42 -19.21 -12.87 -2.44
C ARG B 42 -18.46 -11.60 -2.87
N ASP B 43 -18.94 -10.44 -2.40
CA ASP B 43 -18.31 -9.17 -2.72
C ASP B 43 -16.97 -8.99 -2.01
N ASP B 44 -16.59 -9.99 -1.22
CA ASP B 44 -15.29 -9.97 -0.57
C ASP B 44 -14.30 -10.46 -1.63
N LEU B 45 -14.80 -10.73 -2.84
CA LEU B 45 -13.97 -11.20 -3.91
C LEU B 45 -13.99 -10.19 -5.07
N THR B 46 -14.18 -8.92 -4.73
CA THR B 46 -14.20 -7.87 -5.73
C THR B 46 -12.83 -7.67 -6.35
N GLY B 47 -11.79 -8.24 -5.72
CA GLY B 47 -10.45 -8.20 -6.30
C GLY B 47 -9.39 -7.15 -6.05
N LEU B 48 -9.76 -5.89 -5.87
CA LEU B 48 -8.74 -4.87 -5.64
C LEU B 48 -8.32 -4.81 -4.17
N GLY B 49 -7.04 -5.01 -3.93
CA GLY B 49 -6.54 -4.97 -2.57
C GLY B 49 -7.06 -6.13 -1.76
N ILE B 50 -7.80 -5.82 -0.70
CA ILE B 50 -8.36 -6.84 0.16
C ILE B 50 -9.82 -7.01 -0.20
N GLY B 51 -10.19 -6.44 -1.35
CA GLY B 51 -11.55 -6.52 -1.83
C GLY B 51 -12.53 -5.89 -0.87
N GLY B 52 -13.82 -6.17 -1.07
CA GLY B 52 -14.82 -5.64 -0.19
C GLY B 52 -15.83 -4.82 -0.93
N ASN B 53 -16.74 -4.22 -0.19
CA ASN B 53 -17.80 -3.41 -0.76
C ASN B 53 -17.32 -2.02 -1.14
N LYS B 54 -16.25 -1.57 -0.52
CA LYS B 54 -15.77 -0.23 -0.81
C LYS B 54 -15.34 -0.12 -2.26
N ILE B 55 -14.86 -1.22 -2.83
CA ILE B 55 -14.44 -1.17 -4.23
C ILE B 55 -15.59 -0.76 -5.12
N ARG B 56 -16.81 -1.21 -4.80
CA ARG B 56 -17.96 -0.86 -5.64
C ARG B 56 -18.24 0.63 -5.61
N LYS B 57 -18.02 1.23 -4.44
CA LYS B 57 -18.22 2.66 -4.27
C LYS B 57 -17.11 3.42 -5.00
N LEU B 58 -15.89 2.90 -4.90
CA LEU B 58 -14.73 3.54 -5.53
C LEU B 58 -14.89 3.67 -7.04
N GLU B 59 -15.61 2.75 -7.67
CA GLU B 59 -15.78 2.84 -9.11
C GLU B 59 -16.39 4.18 -9.44
N TYR B 60 -17.44 4.54 -8.70
CA TYR B 60 -18.11 5.83 -8.92
C TYR B 60 -17.35 7.00 -8.27
N LEU B 61 -16.78 6.78 -7.08
CA LEU B 61 -16.06 7.85 -6.40
C LEU B 61 -14.84 8.28 -7.21
N LEU B 62 -13.95 7.33 -7.54
CA LEU B 62 -12.75 7.64 -8.30
C LEU B 62 -13.06 8.02 -9.74
N GLY B 63 -14.16 7.49 -10.28
CA GLY B 63 -14.55 7.81 -11.64
C GLY B 63 -15.05 9.24 -11.66
N ASP B 64 -15.47 9.72 -10.50
CA ASP B 64 -15.94 11.09 -10.40
C ASP B 64 -14.74 11.99 -10.14
N ALA B 65 -13.80 11.52 -9.35
CA ALA B 65 -12.62 12.35 -9.09
C ALA B 65 -11.94 12.63 -10.44
N LEU B 66 -11.77 11.59 -11.26
CA LEU B 66 -11.13 11.73 -12.57
C LEU B 66 -11.88 12.73 -13.43
N SER B 67 -13.12 12.38 -13.75
CA SER B 67 -13.98 13.22 -14.59
C SER B 67 -13.64 14.68 -14.34
N LYS B 68 -13.70 15.09 -13.08
CA LYS B 68 -13.38 16.45 -12.72
C LYS B 68 -11.95 16.73 -13.19
N GLY B 69 -10.98 16.23 -12.45
CA GLY B 69 -9.59 16.43 -12.82
C GLY B 69 -8.69 16.43 -11.61
N ALA B 70 -9.11 15.74 -10.57
CA ALA B 70 -8.32 15.67 -9.34
C ALA B 70 -7.00 14.97 -9.65
N ASP B 71 -6.00 15.21 -8.82
CA ASP B 71 -4.70 14.59 -9.01
C ASP B 71 -4.19 14.00 -7.69
N VAL B 72 -5.01 14.14 -6.65
CA VAL B 72 -4.70 13.57 -5.35
C VAL B 72 -6.02 13.31 -4.62
N VAL B 73 -6.21 12.07 -4.17
CA VAL B 73 -7.43 11.70 -3.47
C VAL B 73 -7.23 11.68 -1.97
N ILE B 74 -8.16 12.29 -1.23
CA ILE B 74 -8.07 12.31 0.22
C ILE B 74 -9.34 11.73 0.88
N THR B 75 -9.14 10.87 1.89
CA THR B 75 -10.26 10.31 2.59
C THR B 75 -9.86 10.02 4.02
N VAL B 76 -10.84 9.77 4.89
CA VAL B 76 -10.61 9.50 6.29
C VAL B 76 -11.10 8.13 6.71
N GLY B 77 -10.93 7.84 7.99
CA GLY B 77 -11.35 6.56 8.54
C GLY B 77 -10.37 6.23 9.65
N ALA B 78 -10.59 5.14 10.38
CA ALA B 78 -9.68 4.76 11.46
C ALA B 78 -8.37 4.22 10.88
N VAL B 79 -7.44 3.88 11.76
CA VAL B 79 -6.16 3.36 11.32
C VAL B 79 -6.31 1.98 10.68
N HIS B 80 -7.34 1.25 11.11
CA HIS B 80 -7.65 -0.10 10.62
C HIS B 80 -8.72 -0.06 9.50
N SER B 81 -9.07 1.16 9.09
CA SER B 81 -10.06 1.41 8.06
C SER B 81 -9.84 0.62 6.76
N ASN B 82 -10.83 -0.18 6.36
CA ASN B 82 -10.71 -0.93 5.12
C ASN B 82 -10.78 0.09 4.00
N HIS B 83 -11.72 1.01 4.14
CA HIS B 83 -11.94 2.06 3.16
C HIS B 83 -10.70 2.93 2.91
N ALA B 84 -9.87 3.13 3.92
CA ALA B 84 -8.68 3.97 3.78
C ALA B 84 -7.66 3.30 2.88
N PHE B 85 -7.27 2.08 3.25
CA PHE B 85 -6.28 1.31 2.49
C PHE B 85 -6.72 1.10 1.04
N VAL B 86 -8.00 0.80 0.86
CA VAL B 86 -8.55 0.55 -0.45
C VAL B 86 -8.71 1.79 -1.30
N THR B 87 -9.12 2.91 -0.72
CA THR B 87 -9.23 4.11 -1.56
C THR B 87 -7.82 4.51 -2.01
N GLY B 88 -6.89 4.49 -1.05
CA GLY B 88 -5.52 4.84 -1.38
C GLY B 88 -4.95 4.02 -2.52
N LEU B 89 -5.04 2.70 -2.42
CA LEU B 89 -4.50 1.80 -3.43
C LEU B 89 -5.26 1.95 -4.75
N ALA B 90 -6.57 2.08 -4.67
CA ALA B 90 -7.35 2.22 -5.90
C ALA B 90 -6.99 3.51 -6.61
N ALA B 91 -6.80 4.57 -5.83
CA ALA B 91 -6.45 5.88 -6.36
C ALA B 91 -5.08 5.80 -7.04
N LYS B 92 -4.08 5.40 -6.26
CA LYS B 92 -2.72 5.24 -6.74
C LYS B 92 -2.61 4.34 -7.97
N LYS B 93 -3.50 3.36 -8.09
CA LYS B 93 -3.49 2.46 -9.21
C LYS B 93 -4.04 3.15 -10.45
N LEU B 94 -4.90 4.13 -10.24
CA LEU B 94 -5.49 4.82 -11.37
C LEU B 94 -4.57 5.91 -11.89
N GLY B 95 -3.52 6.19 -11.14
CA GLY B 95 -2.57 7.20 -11.55
C GLY B 95 -2.53 8.40 -10.65
N LEU B 96 -3.56 8.58 -9.84
CA LEU B 96 -3.60 9.73 -8.95
C LEU B 96 -2.69 9.53 -7.77
N ASP B 97 -2.66 10.54 -6.91
CA ASP B 97 -1.85 10.51 -5.70
C ASP B 97 -2.89 10.33 -4.58
N ALA B 98 -2.46 10.08 -3.35
CA ALA B 98 -3.42 9.86 -2.26
C ALA B 98 -2.96 10.09 -0.84
N ILE B 99 -3.84 10.69 -0.03
CA ILE B 99 -3.57 10.97 1.37
C ILE B 99 -4.67 10.39 2.27
N LEU B 100 -4.24 9.65 3.27
CA LEU B 100 -5.16 9.04 4.22
C LEU B 100 -5.04 9.76 5.56
N VAL B 101 -6.15 10.37 6.00
CA VAL B 101 -6.21 11.07 7.27
C VAL B 101 -6.85 10.12 8.26
N LEU B 102 -6.04 9.34 8.94
CA LEU B 102 -6.53 8.34 9.87
C LEU B 102 -6.57 8.83 11.33
N ARG B 103 -6.80 7.88 12.24
CA ARG B 103 -6.86 8.18 13.67
C ARG B 103 -6.85 6.85 14.43
N GLY B 104 -6.30 6.86 15.64
CA GLY B 104 -6.26 5.65 16.46
C GLY B 104 -4.83 5.15 16.70
N LYS B 105 -4.70 3.98 17.33
CA LYS B 105 -3.38 3.38 17.60
C LYS B 105 -2.57 3.35 16.31
N GLU B 106 -1.24 3.37 16.43
CA GLU B 106 -0.41 3.32 15.23
C GLU B 106 0.27 1.97 15.02
N GLU B 107 -0.25 0.92 15.65
CA GLU B 107 0.31 -0.42 15.51
C GLU B 107 0.51 -0.77 14.03
N LEU B 108 1.60 -1.47 13.73
CA LEU B 108 1.86 -1.88 12.36
C LEU B 108 1.22 -3.25 12.15
N LYS B 109 -0.06 -3.24 11.78
CA LYS B 109 -0.77 -4.47 11.54
C LYS B 109 -2.12 -4.22 10.88
N GLY B 110 -2.69 -5.26 10.29
CA GLY B 110 -3.96 -5.11 9.62
C GLY B 110 -3.81 -4.12 8.46
N ASN B 111 -4.86 -3.34 8.23
CA ASN B 111 -4.84 -2.36 7.16
C ASN B 111 -3.78 -1.29 7.27
N TYR B 112 -3.45 -0.85 8.47
CA TYR B 112 -2.42 0.19 8.62
C TYR B 112 -1.09 -0.33 8.09
N LEU B 113 -0.82 -1.61 8.34
CA LEU B 113 0.39 -2.27 7.87
C LEU B 113 0.43 -2.19 6.35
N LEU B 114 -0.67 -2.59 5.73
CA LEU B 114 -0.77 -2.57 4.28
C LEU B 114 -0.62 -1.16 3.71
N ASP B 115 -1.14 -0.18 4.43
CA ASP B 115 -1.02 1.20 3.97
C ASP B 115 0.48 1.57 3.83
N LYS B 116 1.27 1.17 4.84
CA LYS B 116 2.68 1.49 4.86
C LYS B 116 3.48 0.69 3.84
N ILE B 117 3.16 -0.60 3.73
CA ILE B 117 3.82 -1.48 2.77
C ILE B 117 3.62 -0.92 1.37
N MET B 118 2.40 -0.43 1.12
CA MET B 118 2.08 0.11 -0.18
C MET B 118 2.52 1.55 -0.36
N GLY B 119 3.19 2.10 0.64
CA GLY B 119 3.66 3.47 0.56
C GLY B 119 2.60 4.52 0.32
N ILE B 120 1.42 4.32 0.89
CA ILE B 120 0.35 5.29 0.72
C ILE B 120 0.58 6.33 1.81
N GLU B 121 0.49 7.61 1.44
CA GLU B 121 0.72 8.70 2.39
C GLU B 121 -0.22 8.69 3.59
N THR B 122 0.36 8.61 4.78
CA THR B 122 -0.41 8.57 6.02
C THR B 122 -0.15 9.74 6.98
N ARG B 123 -1.13 10.04 7.83
CA ARG B 123 -1.05 11.11 8.82
C ARG B 123 -2.07 10.88 9.93
N VAL B 124 -1.68 10.15 10.96
CA VAL B 124 -2.58 9.87 12.07
C VAL B 124 -2.81 11.08 12.97
N TYR B 125 -4.00 11.16 13.55
CA TYR B 125 -4.33 12.26 14.44
C TYR B 125 -4.88 11.75 15.76
N ASP B 126 -4.33 12.26 16.84
CA ASP B 126 -4.79 11.90 18.18
C ASP B 126 -6.15 12.60 18.21
N ALA B 127 -6.42 13.31 17.11
CA ALA B 127 -7.63 14.08 16.86
C ALA B 127 -8.86 13.66 17.64
N LYS B 128 -9.57 12.65 17.12
CA LYS B 128 -10.78 12.19 17.79
C LYS B 128 -10.89 10.68 17.93
N ASP B 129 -12.09 10.23 18.27
CA ASP B 129 -12.39 8.81 18.41
C ASP B 129 -13.53 8.53 17.45
N SER B 130 -14.15 9.61 16.96
CA SER B 130 -15.23 9.52 16.00
C SER B 130 -14.64 10.02 14.68
N PHE B 131 -14.51 9.09 13.72
CA PHE B 131 -13.94 9.36 12.40
C PHE B 131 -14.51 10.55 11.62
N GLU B 132 -14.85 11.63 12.32
CA GLU B 132 -15.36 12.82 11.66
C GLU B 132 -14.39 13.99 11.79
N LEU B 133 -13.17 13.71 11.35
CA LEU B 133 -12.09 14.68 11.33
C LEU B 133 -11.98 15.13 9.88
N MET B 134 -13.15 15.33 9.27
CA MET B 134 -13.24 15.77 7.89
C MET B 134 -12.69 17.20 7.84
N LYS B 135 -12.64 17.82 9.01
CA LYS B 135 -12.12 19.17 9.15
C LYS B 135 -10.70 19.19 8.61
N TYR B 136 -9.88 18.27 9.07
CA TYR B 136 -8.50 18.18 8.62
C TYR B 136 -8.45 17.88 7.14
N ALA B 137 -9.02 16.74 6.76
CA ALA B 137 -9.04 16.33 5.37
C ALA B 137 -9.37 17.51 4.47
N GLU B 138 -10.31 18.33 4.90
CA GLU B 138 -10.76 19.50 4.14
C GLU B 138 -9.73 20.63 4.06
N GLU B 139 -9.02 20.88 5.16
CA GLU B 139 -8.03 21.94 5.13
C GLU B 139 -6.77 21.45 4.43
N ILE B 140 -6.52 20.15 4.49
CA ILE B 140 -5.37 19.59 3.82
C ILE B 140 -5.64 19.74 2.33
N ALA B 141 -6.92 19.84 1.99
CA ALA B 141 -7.33 19.98 0.60
C ALA B 141 -7.15 21.40 0.10
N GLU B 142 -7.90 22.32 0.70
CA GLU B 142 -7.86 23.74 0.34
C GLU B 142 -6.43 24.28 0.14
N GLU B 143 -5.53 23.94 1.05
CA GLU B 143 -4.15 24.39 0.95
C GLU B 143 -3.36 23.61 -0.09
N LEU B 144 -3.83 22.38 -0.34
CA LEU B 144 -3.20 21.48 -1.31
C LEU B 144 -3.58 21.94 -2.73
N LYS B 145 -4.67 22.71 -2.80
CA LYS B 145 -5.14 23.22 -4.09
C LYS B 145 -4.56 24.61 -4.38
N ARG B 146 -4.23 25.36 -3.34
CA ARG B 146 -3.65 26.68 -3.55
C ARG B 146 -2.27 26.45 -4.15
N GLU B 147 -1.85 25.18 -4.16
CA GLU B 147 -0.56 24.77 -4.70
C GLU B 147 -0.71 24.24 -6.13
N GLY B 148 -1.77 24.67 -6.82
CA GLY B 148 -1.97 24.24 -8.20
C GLY B 148 -2.72 22.94 -8.40
N ARG B 149 -2.41 21.92 -7.60
CA ARG B 149 -3.08 20.63 -7.70
C ARG B 149 -4.58 20.77 -7.38
N LYS B 150 -5.35 19.75 -7.73
CA LYS B 150 -6.79 19.75 -7.47
C LYS B 150 -7.23 18.50 -6.71
N PRO B 151 -7.39 18.59 -5.39
CA PRO B 151 -7.79 17.45 -4.57
C PRO B 151 -9.29 17.07 -4.63
N TYR B 152 -9.58 15.85 -4.20
CA TYR B 152 -10.93 15.30 -4.17
C TYR B 152 -11.07 14.63 -2.81
N VAL B 153 -12.05 15.04 -2.03
CA VAL B 153 -12.19 14.44 -0.72
C VAL B 153 -13.34 13.41 -0.69
N ILE B 154 -13.14 12.38 0.11
CA ILE B 154 -14.10 11.30 0.24
C ILE B 154 -14.47 11.10 1.72
N PRO B 155 -15.79 11.16 2.02
CA PRO B 155 -16.39 11.00 3.35
C PRO B 155 -16.07 9.65 3.96
N PRO B 156 -16.22 9.52 5.28
CA PRO B 156 -15.92 8.22 5.88
C PRO B 156 -16.67 7.09 5.14
N GLY B 157 -15.99 5.96 4.97
CA GLY B 157 -16.57 4.80 4.31
C GLY B 157 -17.15 4.96 2.91
N GLY B 158 -16.86 6.07 2.23
CA GLY B 158 -17.38 6.27 0.90
C GLY B 158 -18.83 6.71 0.94
N ALA B 159 -19.26 7.17 2.12
CA ALA B 159 -20.63 7.62 2.37
C ALA B 159 -21.04 8.89 1.64
N SER B 160 -20.96 8.85 0.32
CA SER B 160 -21.34 9.97 -0.53
C SER B 160 -22.50 9.53 -1.41
N PRO B 161 -23.30 10.49 -1.89
CA PRO B 161 -24.39 10.02 -2.75
C PRO B 161 -23.87 9.17 -3.92
N ILE B 162 -23.01 9.73 -4.78
CA ILE B 162 -22.51 8.97 -5.93
C ILE B 162 -21.75 7.70 -5.53
N GLY B 163 -21.22 7.65 -4.33
CA GLY B 163 -20.53 6.43 -3.93
C GLY B 163 -21.55 5.33 -3.66
N THR B 164 -22.78 5.76 -3.42
CA THR B 164 -23.89 4.86 -3.13
C THR B 164 -24.42 4.13 -4.37
N LEU B 165 -24.22 4.73 -5.53
CA LEU B 165 -24.66 4.12 -6.78
C LEU B 165 -24.01 2.77 -6.95
N GLY B 166 -22.89 2.57 -6.26
CA GLY B 166 -22.18 1.32 -6.33
C GLY B 166 -23.06 0.11 -6.05
N TYR B 167 -23.88 0.19 -5.00
CA TYR B 167 -24.75 -0.94 -4.69
C TYR B 167 -26.09 -0.88 -5.36
N VAL B 168 -26.39 0.24 -5.99
CA VAL B 168 -27.61 0.28 -6.75
C VAL B 168 -27.24 -0.64 -7.92
N ARG B 169 -26.02 -0.48 -8.42
CA ARG B 169 -25.51 -1.28 -9.51
C ARG B 169 -25.42 -2.75 -9.08
N ALA B 170 -25.01 -2.97 -7.84
CA ALA B 170 -24.91 -4.31 -7.33
C ALA B 170 -26.26 -5.07 -7.34
N VAL B 171 -27.38 -4.40 -7.01
CA VAL B 171 -28.63 -5.13 -6.99
C VAL B 171 -28.93 -5.47 -8.45
N GLY B 172 -28.59 -4.56 -9.35
CA GLY B 172 -28.81 -4.78 -10.77
C GLY B 172 -28.11 -6.04 -11.27
N GLU B 173 -26.94 -6.32 -10.69
CA GLU B 173 -26.11 -7.47 -11.04
C GLU B 173 -26.76 -8.71 -10.47
N ILE B 174 -27.14 -8.63 -9.20
CA ILE B 174 -27.78 -9.74 -8.51
C ILE B 174 -29.04 -10.20 -9.28
N ALA B 175 -29.86 -9.26 -9.69
CA ALA B 175 -31.06 -9.61 -10.44
C ALA B 175 -30.75 -10.47 -11.66
N THR B 176 -29.62 -10.18 -12.30
CA THR B 176 -29.17 -10.88 -13.49
C THR B 176 -28.50 -12.24 -13.26
N GLN B 177 -27.65 -12.36 -12.25
CA GLN B 177 -26.96 -13.61 -12.00
C GLN B 177 -27.75 -14.71 -11.23
N SER B 178 -28.73 -14.35 -10.40
CA SER B 178 -29.41 -15.39 -9.67
C SER B 178 -30.85 -15.61 -10.09
N GLU B 179 -31.30 -16.85 -9.92
CA GLU B 179 -32.68 -17.21 -10.25
C GLU B 179 -33.39 -17.24 -8.90
N VAL B 180 -32.63 -17.56 -7.85
CA VAL B 180 -33.15 -17.63 -6.49
C VAL B 180 -33.84 -16.32 -6.16
N LYS B 181 -35.15 -16.41 -5.92
CA LYS B 181 -35.99 -15.26 -5.58
C LYS B 181 -35.96 -14.95 -4.07
N PHE B 182 -35.00 -14.13 -3.64
CA PHE B 182 -34.86 -13.80 -2.23
C PHE B 182 -36.01 -13.04 -1.56
N ASP B 183 -36.10 -13.19 -0.24
CA ASP B 183 -37.12 -12.52 0.54
C ASP B 183 -36.47 -11.31 1.17
N SER B 184 -35.19 -11.47 1.48
CA SER B 184 -34.43 -10.41 2.12
C SER B 184 -32.93 -10.46 1.79
N ILE B 185 -32.31 -9.28 1.77
CA ILE B 185 -30.89 -9.17 1.52
C ILE B 185 -30.33 -8.46 2.72
N VAL B 186 -29.40 -9.15 3.39
CA VAL B 186 -28.76 -8.69 4.62
C VAL B 186 -27.28 -8.25 4.54
N VAL B 187 -27.04 -7.02 4.98
CA VAL B 187 -25.69 -6.46 4.97
C VAL B 187 -25.38 -5.68 6.24
N ALA B 188 -24.11 -5.73 6.65
CA ALA B 188 -23.67 -4.97 7.81
C ALA B 188 -23.87 -3.50 7.44
N ALA B 189 -23.92 -2.64 8.45
CA ALA B 189 -24.09 -1.21 8.21
C ALA B 189 -23.11 -0.39 9.02
N GLY B 190 -22.36 0.47 8.32
CA GLY B 190 -21.40 1.34 8.96
C GLY B 190 -21.97 2.71 8.68
N SER B 191 -21.56 3.31 7.56
CA SER B 191 -22.06 4.61 7.20
C SER B 191 -23.47 4.46 6.64
N GLY B 192 -23.82 3.22 6.27
CA GLY B 192 -25.15 2.98 5.72
C GLY B 192 -25.22 3.15 4.20
N GLY B 193 -24.11 3.54 3.61
CA GLY B 193 -24.06 3.73 2.16
C GLY B 193 -24.40 2.50 1.33
N THR B 194 -23.82 1.35 1.68
CA THR B 194 -24.10 0.11 0.96
C THR B 194 -25.60 -0.19 1.06
N LEU B 195 -26.11 -0.19 2.30
CA LEU B 195 -27.52 -0.45 2.56
C LEU B 195 -28.42 0.46 1.72
N ALA B 196 -28.10 1.76 1.73
CA ALA B 196 -28.87 2.73 0.95
C ALA B 196 -28.94 2.29 -0.53
N GLY B 197 -27.78 1.87 -1.06
CA GLY B 197 -27.67 1.41 -2.45
C GLY B 197 -28.53 0.21 -2.68
N LEU B 198 -28.48 -0.78 -1.78
CA LEU B 198 -29.32 -1.95 -1.91
C LEU B 198 -30.78 -1.51 -1.89
N SER B 199 -31.11 -0.54 -1.03
CA SER B 199 -32.51 -0.07 -0.93
C SER B 199 -32.98 0.63 -2.18
N LEU B 200 -32.16 1.55 -2.69
CA LEU B 200 -32.53 2.30 -3.88
C LEU B 200 -32.72 1.28 -5.00
N GLY B 201 -31.77 0.35 -5.10
CA GLY B 201 -31.84 -0.66 -6.13
C GLY B 201 -33.11 -1.50 -6.08
N LEU B 202 -33.42 -2.06 -4.91
CA LEU B 202 -34.64 -2.86 -4.74
C LEU B 202 -35.87 -2.00 -5.01
N SER B 203 -35.85 -0.76 -4.56
CA SER B 203 -36.99 0.12 -4.80
C SER B 203 -37.16 0.37 -6.28
N ILE B 204 -36.04 0.50 -6.99
CA ILE B 204 -36.08 0.74 -8.44
C ILE B 204 -36.64 -0.51 -9.12
N LEU B 205 -36.17 -1.67 -8.69
CA LEU B 205 -36.65 -2.91 -9.28
C LEU B 205 -38.06 -3.21 -8.80
N ASN B 206 -38.42 -2.63 -7.66
CA ASN B 206 -39.72 -2.84 -7.05
C ASN B 206 -39.95 -4.33 -6.91
N GLU B 207 -38.97 -5.04 -6.34
CA GLU B 207 -39.08 -6.48 -6.19
C GLU B 207 -39.88 -6.89 -4.96
N ASP B 208 -39.90 -6.01 -3.97
CA ASP B 208 -40.58 -6.29 -2.70
C ASP B 208 -39.68 -7.32 -2.02
N ILE B 209 -38.44 -6.92 -1.82
CA ILE B 209 -37.44 -7.73 -1.15
C ILE B 209 -36.99 -6.76 -0.05
N ARG B 210 -36.66 -7.28 1.12
CA ARG B 210 -36.30 -6.40 2.21
C ARG B 210 -34.85 -6.00 2.43
N PRO B 211 -34.54 -4.70 2.22
CA PRO B 211 -33.14 -4.31 2.44
C PRO B 211 -33.01 -4.36 3.96
N VAL B 212 -32.14 -5.22 4.45
CA VAL B 212 -31.95 -5.37 5.87
C VAL B 212 -30.54 -5.03 6.28
N GLY B 213 -30.39 -3.96 7.03
CA GLY B 213 -29.06 -3.63 7.49
C GLY B 213 -28.93 -4.02 8.95
N ILE B 214 -27.72 -4.37 9.36
CA ILE B 214 -27.47 -4.66 10.75
C ILE B 214 -26.29 -3.78 11.12
N ALA B 215 -26.59 -2.68 11.81
CA ALA B 215 -25.57 -1.73 12.25
C ALA B 215 -24.64 -2.42 13.23
N VAL B 216 -23.35 -2.28 13.00
CA VAL B 216 -22.36 -2.92 13.87
C VAL B 216 -21.68 -1.84 14.71
N GLY B 217 -22.07 -0.60 14.46
CA GLY B 217 -21.54 0.53 15.20
C GLY B 217 -22.71 1.10 15.98
N ARG B 218 -22.71 2.40 16.23
CA ARG B 218 -23.80 2.99 16.98
C ARG B 218 -25.00 3.42 16.13
N PHE B 219 -26.15 2.85 16.47
CA PHE B 219 -27.42 3.14 15.80
C PHE B 219 -27.43 4.65 15.50
N GLY B 220 -27.33 5.46 16.55
CA GLY B 220 -27.30 6.91 16.44
C GLY B 220 -28.42 7.62 15.70
N GLU B 221 -28.97 8.66 16.32
CA GLU B 221 -30.04 9.43 15.70
C GLU B 221 -29.32 10.26 14.63
N VAL B 222 -28.04 10.49 14.90
CA VAL B 222 -27.16 11.24 14.01
C VAL B 222 -26.96 10.41 12.73
N MET B 223 -26.53 9.18 12.92
CA MET B 223 -26.28 8.26 11.81
C MET B 223 -27.57 7.96 11.05
N THR B 224 -28.63 7.58 11.76
CA THR B 224 -29.88 7.23 11.11
C THR B 224 -30.41 8.24 10.09
N SER B 225 -30.16 9.53 10.30
CA SER B 225 -30.63 10.54 9.36
C SER B 225 -29.61 10.70 8.25
N LYS B 226 -28.41 10.15 8.50
CA LYS B 226 -27.31 10.18 7.55
C LYS B 226 -27.75 9.25 6.41
N LEU B 227 -28.28 8.09 6.80
CA LEU B 227 -28.76 7.05 5.88
C LEU B 227 -29.88 7.54 4.97
N ASP B 228 -30.84 8.26 5.54
CA ASP B 228 -31.97 8.75 4.77
C ASP B 228 -31.60 9.85 3.79
N ASN B 229 -30.57 10.62 4.15
CA ASN B 229 -30.10 11.69 3.29
C ASN B 229 -29.38 11.04 2.13
N LEU B 230 -28.61 10.00 2.42
CA LEU B 230 -27.89 9.29 1.39
C LEU B 230 -28.92 8.66 0.44
N ILE B 231 -29.99 8.13 1.01
CA ILE B 231 -31.02 7.51 0.18
C ILE B 231 -31.77 8.54 -0.66
N LYS B 232 -32.19 9.65 -0.05
CA LYS B 232 -32.93 10.64 -0.81
C LYS B 232 -32.05 11.29 -1.89
N GLU B 233 -30.82 11.62 -1.53
CA GLU B 233 -29.88 12.23 -2.49
C GLU B 233 -29.60 11.31 -3.69
N ALA B 234 -29.45 10.01 -3.43
CA ALA B 234 -29.18 9.07 -4.49
C ALA B 234 -30.36 9.04 -5.45
N ALA B 235 -31.54 8.88 -4.89
CA ALA B 235 -32.75 8.84 -5.68
C ALA B 235 -32.81 10.06 -6.58
N GLU B 236 -32.46 11.21 -6.01
CA GLU B 236 -32.48 12.48 -6.74
C GLU B 236 -31.52 12.46 -7.92
N LEU B 237 -30.34 11.86 -7.72
CA LEU B 237 -29.38 11.74 -8.81
C LEU B 237 -29.97 10.85 -9.90
N LEU B 238 -30.64 9.76 -9.49
CA LEU B 238 -31.22 8.85 -10.47
C LEU B 238 -32.57 9.27 -11.01
N GLY B 239 -33.07 10.41 -10.54
CA GLY B 239 -34.37 10.88 -11.02
C GLY B 239 -35.46 9.91 -10.62
N VAL B 240 -35.25 9.22 -9.51
CA VAL B 240 -36.20 8.23 -9.07
C VAL B 240 -36.80 8.57 -7.71
N LYS B 241 -38.04 8.13 -7.49
CA LYS B 241 -38.75 8.35 -6.24
C LYS B 241 -38.45 7.27 -5.23
N VAL B 242 -37.69 7.61 -4.20
CA VAL B 242 -37.37 6.67 -3.16
C VAL B 242 -38.69 6.10 -2.65
N GLU B 243 -39.00 4.90 -3.11
CA GLU B 243 -40.22 4.21 -2.75
C GLU B 243 -39.89 2.93 -2.00
N VAL B 244 -39.47 3.08 -0.74
CA VAL B 244 -39.11 1.98 0.14
C VAL B 244 -38.48 2.53 1.43
N ARG B 245 -38.20 1.66 2.40
CA ARG B 245 -37.56 2.06 3.65
C ARG B 245 -36.79 0.84 4.13
N PRO B 246 -35.53 1.02 4.53
CA PRO B 246 -34.68 -0.08 5.01
C PRO B 246 -34.89 -0.42 6.46
N GLU B 247 -34.68 -1.69 6.78
CA GLU B 247 -34.79 -2.16 8.15
C GLU B 247 -33.38 -2.10 8.70
N LEU B 248 -33.24 -1.74 9.96
CA LEU B 248 -31.93 -1.62 10.56
C LEU B 248 -31.92 -2.10 12.02
N TYR B 249 -31.32 -3.26 12.24
CA TYR B 249 -31.27 -3.86 13.57
C TYR B 249 -29.91 -3.59 14.18
N ASP B 250 -29.87 -3.45 15.51
CA ASP B 250 -28.61 -3.16 16.18
C ASP B 250 -27.94 -4.34 16.83
N TYR B 251 -26.90 -4.87 16.19
CA TYR B 251 -26.15 -5.97 16.77
C TYR B 251 -24.71 -5.51 16.95
N SER B 252 -24.58 -4.25 17.36
CA SER B 252 -23.29 -3.62 17.60
C SER B 252 -22.58 -4.21 18.81
N PHE B 253 -23.36 -4.84 19.68
CA PHE B 253 -22.82 -5.44 20.91
C PHE B 253 -22.21 -4.35 21.80
N GLY B 254 -22.73 -3.14 21.68
CA GLY B 254 -22.21 -2.06 22.50
C GLY B 254 -21.61 -0.91 21.72
N GLU B 255 -20.53 -1.17 20.99
CA GLU B 255 -19.90 -0.10 20.23
C GLU B 255 -19.10 -0.58 19.02
N TYR B 256 -18.94 0.31 18.04
CA TYR B 256 -18.19 -0.02 16.83
C TYR B 256 -16.81 -0.50 17.18
N GLY B 257 -16.55 -1.79 16.97
CA GLY B 257 -15.22 -2.32 17.27
C GLY B 257 -15.16 -3.24 18.47
N LYS B 258 -16.22 -3.29 19.27
CA LYS B 258 -16.23 -4.14 20.45
C LYS B 258 -16.13 -5.60 20.01
N ILE B 259 -15.13 -6.32 20.50
CA ILE B 259 -14.96 -7.71 20.13
C ILE B 259 -15.42 -8.67 21.23
N THR B 260 -16.64 -9.19 21.06
CA THR B 260 -17.27 -10.10 22.01
C THR B 260 -17.11 -11.58 21.65
N GLY B 261 -17.29 -12.45 22.63
CA GLY B 261 -17.15 -13.87 22.41
C GLY B 261 -18.13 -14.37 21.36
N GLU B 262 -19.30 -13.74 21.30
CA GLU B 262 -20.31 -14.11 20.32
C GLU B 262 -19.76 -13.97 18.89
N VAL B 263 -19.13 -12.83 18.60
CA VAL B 263 -18.57 -12.59 17.28
C VAL B 263 -17.48 -13.59 16.94
N ALA B 264 -16.60 -13.87 17.89
CA ALA B 264 -15.52 -14.83 17.68
C ALA B 264 -16.09 -16.23 17.51
N GLN B 265 -17.35 -16.39 17.87
CA GLN B 265 -18.03 -17.68 17.78
C GLN B 265 -18.60 -17.81 16.38
N ILE B 266 -19.19 -16.74 15.88
CA ILE B 266 -19.73 -16.74 14.54
C ILE B 266 -18.59 -16.86 13.51
N ILE B 267 -17.46 -16.20 13.79
CA ILE B 267 -16.30 -16.25 12.91
C ILE B 267 -15.74 -17.65 12.81
N ARG B 268 -15.67 -18.33 13.95
CA ARG B 268 -15.16 -19.70 13.99
C ARG B 268 -16.08 -20.70 13.33
N LYS B 269 -17.38 -20.49 13.46
CA LYS B 269 -18.35 -21.43 12.91
C LYS B 269 -18.58 -21.29 11.43
N VAL B 270 -18.76 -20.06 10.96
CA VAL B 270 -18.97 -19.85 9.54
C VAL B 270 -17.73 -20.35 8.80
N GLY B 271 -16.56 -20.22 9.43
CA GLY B 271 -15.34 -20.69 8.80
C GLY B 271 -15.28 -22.19 8.74
N THR B 272 -15.50 -22.82 9.89
CA THR B 272 -15.46 -24.25 10.05
C THR B 272 -16.58 -25.02 9.35
N ARG B 273 -17.72 -24.38 9.17
CA ARG B 273 -18.84 -25.06 8.55
C ARG B 273 -19.02 -24.73 7.07
N GLU B 274 -18.67 -23.50 6.68
CA GLU B 274 -18.80 -23.09 5.30
C GLU B 274 -17.46 -22.77 4.63
N GLY B 275 -16.38 -22.75 5.41
CA GLY B 275 -15.08 -22.43 4.86
C GLY B 275 -14.93 -20.95 4.47
N ILE B 276 -15.74 -20.09 5.09
CA ILE B 276 -15.66 -18.66 4.80
C ILE B 276 -15.28 -17.85 6.05
N ILE B 277 -14.30 -16.95 5.85
CA ILE B 277 -13.79 -16.07 6.90
C ILE B 277 -14.55 -14.77 7.02
N LEU B 278 -15.13 -14.52 8.19
CA LEU B 278 -15.84 -13.27 8.44
C LEU B 278 -14.96 -12.43 9.36
N ASP B 279 -15.27 -11.16 9.53
CA ASP B 279 -14.44 -10.30 10.36
C ASP B 279 -15.18 -9.80 11.61
N PRO B 280 -14.47 -9.72 12.75
CA PRO B 280 -15.00 -9.27 14.05
C PRO B 280 -15.66 -7.91 14.13
N VAL B 281 -15.36 -7.01 13.21
CA VAL B 281 -15.98 -5.71 13.33
C VAL B 281 -17.22 -5.46 12.48
N TYR B 282 -17.28 -6.03 11.27
CA TYR B 282 -18.46 -5.85 10.42
C TYR B 282 -19.24 -7.12 10.08
N THR B 283 -18.67 -7.94 9.19
CA THR B 283 -19.34 -9.15 8.72
C THR B 283 -19.71 -10.17 9.79
N GLY B 284 -18.88 -10.34 10.80
CA GLY B 284 -19.20 -11.28 11.86
C GLY B 284 -20.47 -10.87 12.62
N LYS B 285 -20.54 -9.62 13.04
CA LYS B 285 -21.71 -9.16 13.75
C LYS B 285 -22.91 -9.14 12.82
N ALA B 286 -22.69 -8.74 11.58
CA ALA B 286 -23.79 -8.69 10.63
C ALA B 286 -24.34 -10.11 10.44
N PHE B 287 -23.45 -11.10 10.44
CA PHE B 287 -23.90 -12.47 10.26
C PHE B 287 -24.60 -12.97 11.53
N TYR B 288 -24.09 -12.58 12.70
CA TYR B 288 -24.71 -12.96 13.95
C TYR B 288 -26.17 -12.54 13.85
N GLY B 289 -26.36 -11.26 13.51
CA GLY B 289 -27.69 -10.71 13.39
C GLY B 289 -28.54 -11.54 12.45
N LEU B 290 -27.91 -12.06 11.41
CA LEU B 290 -28.61 -12.87 10.41
C LEU B 290 -29.18 -14.15 11.02
N VAL B 291 -28.36 -14.86 11.76
CA VAL B 291 -28.79 -16.10 12.41
C VAL B 291 -29.91 -15.85 13.44
N ASP B 292 -29.77 -14.78 14.22
CA ASP B 292 -30.77 -14.40 15.20
C ASP B 292 -32.12 -14.06 14.55
N LEU B 293 -32.12 -13.12 13.60
CA LEU B 293 -33.36 -12.75 12.93
C LEU B 293 -34.00 -13.89 12.12
N ALA B 294 -33.19 -14.67 11.41
CA ALA B 294 -33.68 -15.78 10.58
C ALA B 294 -34.42 -16.86 11.36
N ARG B 295 -33.97 -17.10 12.59
CA ARG B 295 -34.61 -18.09 13.45
C ARG B 295 -35.99 -17.54 13.87
N LYS B 296 -36.01 -16.31 14.39
CA LYS B 296 -37.27 -15.67 14.78
C LYS B 296 -38.15 -15.50 13.53
N GLY B 297 -37.69 -16.00 12.40
CA GLY B 297 -38.43 -15.90 11.15
C GLY B 297 -38.68 -14.49 10.65
N GLU B 298 -37.84 -13.56 11.08
CA GLU B 298 -38.01 -12.18 10.67
C GLU B 298 -37.32 -11.86 9.33
N LEU B 299 -36.87 -12.88 8.61
CA LEU B 299 -36.18 -12.65 7.33
C LEU B 299 -36.71 -13.44 6.15
N GLY B 300 -37.87 -14.07 6.32
CA GLY B 300 -38.42 -14.86 5.22
C GLY B 300 -37.70 -16.19 5.11
N GLU B 301 -38.01 -16.95 4.05
CA GLU B 301 -37.39 -18.26 3.86
C GLU B 301 -36.11 -18.25 3.03
N LYS B 302 -36.00 -17.30 2.10
CA LYS B 302 -34.83 -17.18 1.24
C LYS B 302 -34.04 -15.90 1.53
N ILE B 303 -32.84 -16.07 2.08
CA ILE B 303 -32.00 -14.95 2.46
C ILE B 303 -30.63 -14.82 1.76
N LEU B 304 -30.31 -13.60 1.29
CA LEU B 304 -29.02 -13.33 0.64
C LEU B 304 -28.15 -12.48 1.59
N PHE B 305 -27.03 -13.02 2.02
CA PHE B 305 -26.12 -12.26 2.88
C PHE B 305 -25.01 -11.70 2.01
N ILE B 306 -24.77 -10.40 2.11
CA ILE B 306 -23.71 -9.77 1.32
C ILE B 306 -22.39 -9.71 2.05
N HIS B 307 -21.45 -10.56 1.63
CA HIS B 307 -20.13 -10.58 2.25
C HIS B 307 -19.45 -9.30 1.79
N THR B 308 -19.22 -8.39 2.73
CA THR B 308 -18.61 -7.11 2.41
C THR B 308 -17.11 -7.01 2.60
N GLY B 309 -16.48 -8.11 3.03
CA GLY B 309 -15.04 -8.14 3.21
C GLY B 309 -14.54 -8.24 4.64
N GLY B 310 -13.60 -7.34 4.96
CA GLY B 310 -13.01 -7.23 6.27
C GLY B 310 -11.99 -8.26 6.69
N ILE B 311 -11.43 -9.01 5.74
CA ILE B 311 -10.44 -9.99 6.13
C ILE B 311 -9.34 -9.37 7.00
N SER B 312 -8.98 -8.12 6.73
CA SER B 312 -7.92 -7.45 7.49
C SER B 312 -8.14 -7.48 8.99
N GLY B 313 -9.39 -7.19 9.39
CA GLY B 313 -9.75 -7.18 10.80
C GLY B 313 -9.53 -8.50 11.53
N THR B 314 -9.74 -9.61 10.82
CA THR B 314 -9.56 -10.91 11.44
C THR B 314 -8.09 -11.11 11.73
N PHE B 315 -7.23 -10.61 10.86
CA PHE B 315 -5.81 -10.74 11.11
C PHE B 315 -5.47 -9.75 12.20
N HIS B 316 -5.92 -8.51 11.98
CA HIS B 316 -5.73 -7.39 12.87
C HIS B 316 -6.11 -7.68 14.34
N TYR B 317 -7.32 -8.15 14.57
CA TYR B 317 -7.77 -8.45 15.93
C TYR B 317 -7.86 -9.94 16.27
N GLY B 318 -7.03 -10.74 15.61
CA GLY B 318 -7.01 -12.18 15.84
C GLY B 318 -6.81 -12.63 17.27
N ASP B 319 -5.73 -12.19 17.90
CA ASP B 319 -5.39 -12.58 19.26
C ASP B 319 -6.46 -12.14 20.24
C ASP B 319 -6.47 -12.15 20.28
N LYS B 320 -7.30 -11.16 19.94
CA LYS B 320 -8.37 -10.73 20.83
C LYS B 320 -9.50 -11.74 20.68
N LEU B 321 -9.67 -12.21 19.45
CA LEU B 321 -10.70 -13.18 19.14
C LEU B 321 -10.34 -14.49 19.83
N LEU B 322 -9.04 -14.77 19.89
CA LEU B 322 -8.55 -15.99 20.52
C LEU B 322 -8.91 -16.05 22.00
N SER B 323 -8.70 -14.95 22.69
CA SER B 323 -8.97 -14.85 24.12
C SER B 323 -10.42 -15.23 24.46
N LEU B 324 -11.37 -14.78 23.64
CA LEU B 324 -12.78 -15.07 23.88
C LEU B 324 -13.23 -16.43 23.36
N LEU B 325 -12.29 -17.31 23.06
CA LEU B 325 -12.61 -18.64 22.57
C LEU B 325 -11.99 -19.70 23.48
N MET C 1 -15.08 -26.02 -19.94
CA MET C 1 -14.27 -27.27 -19.88
C MET C 1 -14.04 -28.00 -21.21
N HIS C 2 -12.77 -28.16 -21.58
CA HIS C 2 -12.39 -28.84 -22.79
C HIS C 2 -12.88 -30.29 -22.70
N PRO C 3 -13.48 -30.83 -23.77
CA PRO C 3 -13.97 -32.21 -23.75
C PRO C 3 -12.95 -33.29 -23.39
N LYS C 4 -11.75 -33.20 -23.96
CA LYS C 4 -10.73 -34.18 -23.68
C LYS C 4 -10.41 -34.21 -22.19
N ILE C 5 -10.27 -33.03 -21.58
CA ILE C 5 -9.96 -32.98 -20.16
C ILE C 5 -11.13 -33.49 -19.35
N PHE C 6 -12.33 -33.16 -19.80
CA PHE C 6 -13.56 -33.59 -19.16
C PHE C 6 -13.61 -35.13 -19.05
N ALA C 7 -13.33 -35.81 -20.15
CA ALA C 7 -13.36 -37.26 -20.19
C ALA C 7 -12.25 -37.92 -19.39
N LEU C 8 -11.08 -37.29 -19.30
CA LEU C 8 -9.98 -37.89 -18.54
C LEU C 8 -10.13 -37.75 -17.04
N LEU C 9 -10.89 -36.76 -16.60
CA LEU C 9 -11.08 -36.54 -15.17
C LEU C 9 -12.41 -37.10 -14.69
N ALA C 10 -13.26 -37.47 -15.63
CA ALA C 10 -14.59 -37.98 -15.32
C ALA C 10 -14.70 -39.00 -14.20
N LYS C 11 -13.72 -39.89 -14.07
CA LYS C 11 -13.78 -40.94 -13.06
C LYS C 11 -13.20 -40.61 -11.70
N PHE C 12 -12.51 -39.48 -11.58
CA PHE C 12 -11.90 -39.12 -10.31
C PHE C 12 -12.83 -38.32 -9.40
N PRO C 13 -12.97 -38.76 -8.15
CA PRO C 13 -13.83 -38.08 -7.17
C PRO C 13 -13.27 -36.71 -6.80
N ARG C 14 -14.13 -35.71 -6.78
CA ARG C 14 -13.72 -34.36 -6.44
C ARG C 14 -14.86 -33.58 -5.79
N VAL C 15 -14.59 -33.00 -4.63
CA VAL C 15 -15.58 -32.20 -3.92
C VAL C 15 -15.48 -30.83 -4.55
N GLU C 16 -16.57 -30.35 -5.12
CA GLU C 16 -16.55 -29.04 -5.73
C GLU C 16 -16.49 -27.95 -4.65
N LEU C 17 -15.30 -27.41 -4.41
CA LEU C 17 -15.08 -26.34 -3.41
C LEU C 17 -15.14 -24.95 -4.04
N ILE C 18 -14.76 -24.84 -5.31
CA ILE C 18 -14.79 -23.55 -5.98
C ILE C 18 -16.10 -23.36 -6.74
N PRO C 19 -16.84 -22.29 -6.40
CA PRO C 19 -18.13 -21.86 -6.93
C PRO C 19 -18.10 -21.24 -8.33
N TRP C 20 -16.92 -20.91 -8.82
CA TRP C 20 -16.84 -20.28 -10.13
C TRP C 20 -15.52 -20.49 -10.81
N GLU C 21 -15.40 -19.86 -11.97
CA GLU C 21 -14.15 -19.89 -12.71
C GLU C 21 -13.51 -18.59 -12.26
N THR C 22 -12.29 -18.65 -11.74
CA THR C 22 -11.62 -17.41 -11.33
C THR C 22 -11.34 -16.60 -12.60
N PRO C 23 -11.54 -15.28 -12.51
CA PRO C 23 -11.33 -14.33 -13.61
C PRO C 23 -9.87 -14.15 -14.12
N ILE C 24 -9.76 -13.67 -15.35
CA ILE C 24 -8.45 -13.41 -15.93
C ILE C 24 -8.42 -11.92 -16.22
N GLN C 25 -7.39 -11.26 -15.71
CA GLN C 25 -7.21 -9.82 -15.93
C GLN C 25 -5.95 -9.49 -16.70
N TYR C 26 -6.01 -8.39 -17.43
CA TYR C 26 -4.86 -7.86 -18.15
C TYR C 26 -4.27 -6.79 -17.25
N LEU C 27 -2.98 -6.89 -16.94
CA LEU C 27 -2.27 -5.89 -16.12
C LEU C 27 -1.67 -4.84 -17.07
N PRO C 28 -2.34 -3.69 -17.25
CA PRO C 28 -1.94 -2.57 -18.11
C PRO C 28 -0.61 -1.86 -17.85
N ASN C 29 -0.29 -1.57 -16.60
CA ASN C 29 0.93 -0.85 -16.32
C ASN C 29 2.18 -1.71 -16.28
N ILE C 30 2.07 -2.93 -15.75
CA ILE C 30 3.21 -3.83 -15.71
C ILE C 30 3.58 -4.20 -17.15
N SER C 31 2.58 -4.32 -18.01
CA SER C 31 2.81 -4.67 -19.40
C SER C 31 3.57 -3.58 -20.13
N ARG C 32 3.14 -2.33 -19.95
CA ARG C 32 3.79 -1.19 -20.58
C ARG C 32 5.26 -1.20 -20.16
N GLU C 33 5.50 -1.26 -18.86
CA GLU C 33 6.84 -1.29 -18.28
C GLU C 33 7.59 -2.61 -18.58
N ILE C 34 7.07 -3.42 -19.51
CA ILE C 34 7.73 -4.72 -19.75
C ILE C 34 7.94 -5.17 -21.20
N GLY C 35 7.18 -4.61 -22.12
CA GLY C 35 7.33 -5.00 -23.51
C GLY C 35 6.55 -6.26 -23.86
N ALA C 36 5.78 -6.77 -22.89
CA ALA C 36 4.97 -7.96 -23.12
C ALA C 36 3.61 -7.86 -22.44
N ASP C 37 2.61 -8.47 -23.05
CA ASP C 37 1.27 -8.49 -22.50
C ASP C 37 1.25 -9.54 -21.39
N VAL C 38 1.11 -9.06 -20.15
CA VAL C 38 1.04 -9.95 -19.00
C VAL C 38 -0.40 -9.97 -18.45
N TYR C 39 -0.96 -11.17 -18.31
CA TYR C 39 -2.31 -11.34 -17.78
C TYR C 39 -2.24 -12.13 -16.47
N ILE C 40 -3.27 -11.98 -15.64
CA ILE C 40 -3.26 -12.70 -14.36
C ILE C 40 -4.55 -13.46 -14.11
N LYS C 41 -4.40 -14.71 -13.68
CA LYS C 41 -5.54 -15.55 -13.35
C LYS C 41 -5.65 -15.49 -11.83
N ARG C 42 -6.78 -15.03 -11.36
CA ARG C 42 -7.03 -14.85 -9.94
C ARG C 42 -7.36 -16.07 -9.07
N ASP C 43 -6.44 -17.01 -8.96
CA ASP C 43 -6.67 -18.17 -8.12
C ASP C 43 -6.50 -17.77 -6.64
N ASP C 44 -6.38 -16.47 -6.39
CA ASP C 44 -6.26 -15.97 -5.04
C ASP C 44 -7.71 -15.72 -4.60
N LEU C 45 -8.60 -15.81 -5.58
CA LEU C 45 -10.03 -15.63 -5.35
C LEU C 45 -10.77 -17.00 -5.44
N THR C 46 -10.10 -18.08 -5.06
CA THR C 46 -10.76 -19.40 -5.12
C THR C 46 -11.93 -19.51 -4.12
N GLY C 47 -11.89 -18.75 -3.03
CA GLY C 47 -13.02 -18.74 -2.14
C GLY C 47 -13.02 -19.37 -0.76
N LEU C 48 -12.28 -20.45 -0.59
CA LEU C 48 -12.28 -21.08 0.71
C LEU C 48 -11.10 -20.59 1.52
N GLY C 49 -11.38 -20.19 2.76
CA GLY C 49 -10.35 -19.69 3.65
C GLY C 49 -9.67 -18.46 3.09
N ILE C 50 -8.35 -18.55 2.90
CA ILE C 50 -7.53 -17.48 2.35
C ILE C 50 -7.33 -17.67 0.84
N GLY C 51 -8.17 -18.53 0.26
CA GLY C 51 -8.11 -18.82 -1.16
C GLY C 51 -6.80 -19.45 -1.59
N GLY C 52 -6.47 -19.28 -2.86
CA GLY C 52 -5.23 -19.84 -3.38
C GLY C 52 -5.33 -21.10 -4.22
N ASN C 53 -4.17 -21.51 -4.73
CA ASN C 53 -4.05 -22.67 -5.59
C ASN C 53 -4.36 -24.00 -4.86
N LYS C 54 -4.01 -24.07 -3.59
CA LYS C 54 -4.23 -25.29 -2.82
C LYS C 54 -5.69 -25.76 -2.84
N ILE C 55 -6.63 -24.81 -2.92
CA ILE C 55 -8.04 -25.18 -2.94
C ILE C 55 -8.36 -26.09 -4.13
N ARG C 56 -7.71 -25.87 -5.27
CA ARG C 56 -7.94 -26.73 -6.44
C ARG C 56 -7.43 -28.14 -6.18
N LYS C 57 -6.33 -28.24 -5.44
CA LYS C 57 -5.81 -29.54 -5.14
C LYS C 57 -6.75 -30.23 -4.19
N LEU C 58 -7.23 -29.52 -3.17
CA LEU C 58 -8.14 -30.10 -2.20
C LEU C 58 -9.39 -30.71 -2.82
N GLU C 59 -9.90 -30.13 -3.90
CA GLU C 59 -11.10 -30.72 -4.49
C GLU C 59 -10.87 -32.19 -4.79
N TYR C 60 -9.72 -32.52 -5.38
CA TYR C 60 -9.38 -33.92 -5.68
C TYR C 60 -8.85 -34.68 -4.48
N LEU C 61 -8.09 -34.00 -3.62
CA LEU C 61 -7.54 -34.64 -2.42
C LEU C 61 -8.67 -34.97 -1.44
N LEU C 62 -9.54 -34.00 -1.17
CA LEU C 62 -10.65 -34.24 -0.24
C LEU C 62 -11.76 -35.16 -0.79
N GLY C 63 -12.08 -35.01 -2.07
CA GLY C 63 -13.09 -35.87 -2.68
C GLY C 63 -12.59 -37.30 -2.66
N ASP C 64 -11.27 -37.46 -2.73
CA ASP C 64 -10.67 -38.77 -2.70
C ASP C 64 -10.95 -39.30 -1.29
N ALA C 65 -10.51 -38.54 -0.28
CA ALA C 65 -10.69 -38.91 1.14
C ALA C 65 -12.12 -39.31 1.48
N LEU C 66 -13.08 -38.49 1.06
CA LEU C 66 -14.48 -38.79 1.33
C LEU C 66 -14.81 -40.14 0.75
N SER C 67 -14.56 -40.29 -0.54
CA SER C 67 -14.81 -41.54 -1.26
C SER C 67 -14.29 -42.77 -0.53
N LYS C 68 -13.20 -42.59 0.20
CA LYS C 68 -12.60 -43.68 0.95
C LYS C 68 -13.05 -43.78 2.40
N GLY C 69 -14.15 -43.10 2.73
CA GLY C 69 -14.68 -43.12 4.09
C GLY C 69 -13.72 -42.63 5.18
N ALA C 70 -12.78 -41.76 4.82
CA ALA C 70 -11.85 -41.23 5.79
C ALA C 70 -12.64 -40.26 6.65
N ASP C 71 -12.27 -40.12 7.91
CA ASP C 71 -12.99 -39.21 8.77
C ASP C 71 -12.07 -38.23 9.49
N VAL C 72 -10.76 -38.36 9.24
CA VAL C 72 -9.76 -37.49 9.84
C VAL C 72 -8.65 -37.25 8.82
N VAL C 73 -8.49 -35.99 8.43
CA VAL C 73 -7.48 -35.62 7.45
C VAL C 73 -6.23 -35.15 8.18
N ILE C 74 -5.07 -35.59 7.69
CA ILE C 74 -3.79 -35.21 8.26
C ILE C 74 -2.83 -34.66 7.21
N THR C 75 -2.13 -33.58 7.54
CA THR C 75 -1.16 -33.02 6.64
C THR C 75 -0.12 -32.25 7.43
N VAL C 76 1.00 -31.92 6.79
CA VAL C 76 2.07 -31.20 7.45
C VAL C 76 2.42 -29.90 6.74
N GLY C 77 3.39 -29.20 7.31
CA GLY C 77 3.84 -27.94 6.75
C GLY C 77 4.40 -27.08 7.86
N ALA C 78 4.91 -25.91 7.50
CA ALA C 78 5.44 -24.99 8.50
C ALA C 78 4.24 -24.39 9.22
N VAL C 79 4.47 -23.91 10.43
CA VAL C 79 3.44 -23.29 11.24
C VAL C 79 2.68 -22.20 10.48
N HIS C 80 3.33 -21.56 9.51
CA HIS C 80 2.67 -20.50 8.74
C HIS C 80 2.18 -20.96 7.36
N SER C 81 2.13 -22.27 7.19
CA SER C 81 1.70 -22.89 5.93
C SER C 81 0.28 -22.55 5.45
N ASN C 82 0.17 -22.12 4.19
CA ASN C 82 -1.13 -21.80 3.60
C ASN C 82 -1.90 -23.11 3.51
N HIS C 83 -1.23 -24.11 2.95
CA HIS C 83 -1.74 -25.45 2.76
C HIS C 83 -2.41 -26.04 4.04
N ALA C 84 -1.67 -26.01 5.15
CA ALA C 84 -2.17 -26.58 6.39
C ALA C 84 -3.52 -26.00 6.81
N PHE C 85 -3.57 -24.69 7.01
CA PHE C 85 -4.78 -24.00 7.43
C PHE C 85 -5.92 -24.25 6.47
N VAL C 86 -5.62 -24.10 5.19
CA VAL C 86 -6.62 -24.28 4.16
C VAL C 86 -7.08 -25.74 4.08
N THR C 87 -6.20 -26.70 4.36
CA THR C 87 -6.60 -28.10 4.31
C THR C 87 -7.51 -28.37 5.51
N GLY C 88 -7.10 -27.87 6.67
CA GLY C 88 -7.88 -28.03 7.88
C GLY C 88 -9.25 -27.40 7.77
N LEU C 89 -9.32 -26.18 7.22
CA LEU C 89 -10.60 -25.51 7.11
C LEU C 89 -11.56 -26.23 6.17
N ALA C 90 -11.02 -26.81 5.10
CA ALA C 90 -11.87 -27.50 4.14
C ALA C 90 -12.28 -28.86 4.67
N ALA C 91 -11.39 -29.47 5.47
CA ALA C 91 -11.68 -30.76 6.07
C ALA C 91 -12.93 -30.59 6.94
N LYS C 92 -12.88 -29.63 7.85
CA LYS C 92 -14.00 -29.35 8.75
C LYS C 92 -15.27 -28.95 8.03
N LYS C 93 -15.12 -28.20 6.94
CA LYS C 93 -16.27 -27.73 6.18
C LYS C 93 -17.05 -28.91 5.60
N LEU C 94 -16.36 -30.00 5.37
CA LEU C 94 -16.99 -31.19 4.82
C LEU C 94 -17.27 -32.23 5.92
N GLY C 95 -17.20 -31.79 7.17
CA GLY C 95 -17.47 -32.69 8.27
C GLY C 95 -16.31 -33.53 8.76
N LEU C 96 -15.22 -33.60 8.01
CA LEU C 96 -14.09 -34.40 8.47
C LEU C 96 -13.29 -33.74 9.60
N ASP C 97 -12.61 -34.58 10.37
CA ASP C 97 -11.79 -34.13 11.47
C ASP C 97 -10.48 -33.76 10.81
N ALA C 98 -9.62 -33.05 11.55
CA ALA C 98 -8.34 -32.64 11.02
C ALA C 98 -7.26 -32.41 12.06
N ILE C 99 -6.04 -32.79 11.68
CA ILE C 99 -4.86 -32.63 12.50
C ILE C 99 -3.75 -32.06 11.62
N LEU C 100 -3.16 -30.96 12.06
CA LEU C 100 -2.08 -30.30 11.32
C LEU C 100 -0.76 -30.51 12.04
N VAL C 101 0.14 -31.26 11.42
CA VAL C 101 1.46 -31.50 12.00
C VAL C 101 2.36 -30.37 11.51
N LEU C 102 2.51 -29.33 12.33
CA LEU C 102 3.31 -28.18 11.94
C LEU C 102 4.73 -28.15 12.50
N ARG C 103 5.52 -27.25 11.93
CA ARG C 103 6.90 -27.07 12.30
C ARG C 103 7.21 -25.58 12.48
N GLY C 104 8.02 -25.25 13.49
CA GLY C 104 8.39 -23.85 13.69
C GLY C 104 7.95 -23.05 14.89
N LYS C 105 8.28 -21.76 14.85
CA LYS C 105 7.95 -20.79 15.90
C LYS C 105 6.44 -20.67 16.07
N GLU C 106 5.96 -20.94 17.29
CA GLU C 106 4.54 -20.87 17.60
C GLU C 106 3.98 -19.46 17.74
N GLU C 107 4.40 -18.55 16.85
CA GLU C 107 3.91 -17.17 16.86
C GLU C 107 2.45 -17.09 16.43
N LEU C 108 1.67 -16.30 17.17
CA LEU C 108 0.26 -16.14 16.87
C LEU C 108 -0.09 -15.01 15.92
N LYS C 109 0.15 -15.27 14.64
CA LYS C 109 -0.17 -14.35 13.57
C LYS C 109 -0.02 -15.06 12.24
N GLY C 110 -0.84 -14.69 11.28
CA GLY C 110 -0.77 -15.33 9.99
C GLY C 110 -1.63 -16.58 10.01
N ASN C 111 -1.28 -17.53 9.16
CA ASN C 111 -2.00 -18.78 9.05
C ASN C 111 -2.17 -19.55 10.37
N TYR C 112 -1.16 -19.50 11.25
CA TYR C 112 -1.25 -20.22 12.53
C TYR C 112 -2.29 -19.56 13.43
N LEU C 113 -2.37 -18.24 13.33
CA LEU C 113 -3.36 -17.49 14.09
C LEU C 113 -4.71 -18.01 13.57
N LEU C 114 -4.83 -18.12 12.25
CA LEU C 114 -6.07 -18.59 11.64
C LEU C 114 -6.40 -19.99 12.12
N ASP C 115 -5.39 -20.85 12.17
CA ASP C 115 -5.62 -22.20 12.64
C ASP C 115 -6.22 -22.19 14.04
N LYS C 116 -5.60 -21.48 14.98
CA LYS C 116 -6.12 -21.44 16.35
C LYS C 116 -7.48 -20.77 16.44
N ILE C 117 -7.71 -19.74 15.62
CA ILE C 117 -8.99 -19.05 15.62
C ILE C 117 -10.11 -20.02 15.23
N MET C 118 -9.85 -20.78 14.16
CA MET C 118 -10.84 -21.72 13.65
C MET C 118 -10.80 -23.06 14.39
N GLY C 119 -10.00 -23.12 15.44
CA GLY C 119 -9.91 -24.34 16.23
C GLY C 119 -9.52 -25.60 15.48
N ILE C 120 -8.49 -25.50 14.64
CA ILE C 120 -8.01 -26.66 13.91
C ILE C 120 -6.89 -27.27 14.73
N GLU C 121 -7.00 -28.55 15.04
CA GLU C 121 -5.97 -29.17 15.85
C GLU C 121 -4.56 -28.97 15.31
N THR C 122 -3.71 -28.42 16.17
CA THR C 122 -2.32 -28.15 15.83
C THR C 122 -1.35 -28.97 16.69
N ARG C 123 -0.34 -29.55 16.05
CA ARG C 123 0.69 -30.32 16.75
C ARG C 123 2.06 -29.89 16.24
N VAL C 124 2.65 -28.89 16.90
CA VAL C 124 3.95 -28.37 16.51
C VAL C 124 5.12 -29.15 17.07
N TYR C 125 5.91 -29.74 16.18
CA TYR C 125 7.09 -30.51 16.55
C TYR C 125 8.31 -29.68 16.21
N ASP C 126 9.43 -30.00 16.84
CA ASP C 126 10.66 -29.28 16.57
C ASP C 126 11.55 -30.18 15.72
N ALA C 127 11.03 -30.54 14.55
CA ALA C 127 11.74 -31.40 13.62
C ALA C 127 12.47 -30.53 12.61
N LYS C 128 13.45 -31.13 11.94
CA LYS C 128 14.27 -30.45 10.93
C LYS C 128 13.41 -29.49 10.13
N ASP C 129 14.00 -28.35 9.73
CA ASP C 129 13.29 -27.35 8.96
C ASP C 129 12.77 -28.00 7.66
N SER C 130 13.00 -29.31 7.52
CA SER C 130 12.54 -30.06 6.35
C SER C 130 11.19 -30.70 6.65
N PHE C 131 10.78 -31.63 5.80
CA PHE C 131 9.49 -32.26 6.02
C PHE C 131 9.55 -33.73 6.32
N GLU C 132 10.46 -34.01 7.23
CA GLU C 132 10.46 -35.33 7.85
C GLU C 132 9.33 -35.46 8.85
N LEU C 133 8.82 -34.15 8.93
CA LEU C 133 7.68 -33.84 9.75
C LEU C 133 6.59 -34.85 9.39
N MET C 134 6.69 -35.37 8.17
CA MET C 134 5.74 -36.34 7.65
C MET C 134 5.75 -37.65 8.43
N LYS C 135 6.87 -37.95 9.10
CA LYS C 135 6.97 -39.19 9.86
C LYS C 135 5.99 -39.20 11.03
N TYR C 136 5.95 -38.10 11.76
CA TYR C 136 5.05 -37.97 12.89
C TYR C 136 3.61 -38.11 12.40
N ALA C 137 3.33 -37.49 11.26
CA ALA C 137 2.00 -37.53 10.66
C ALA C 137 1.60 -38.95 10.24
N GLU C 138 2.60 -39.82 10.13
CA GLU C 138 2.30 -41.19 9.76
C GLU C 138 2.05 -41.99 11.04
N GLU C 139 2.73 -41.62 12.11
CA GLU C 139 2.53 -42.29 13.39
C GLU C 139 1.12 -42.00 13.84
N ILE C 140 0.83 -40.71 13.97
CA ILE C 140 -0.49 -40.23 14.41
C ILE C 140 -1.61 -40.81 13.57
N ALA C 141 -1.30 -41.09 12.32
CA ALA C 141 -2.27 -41.67 11.42
C ALA C 141 -2.32 -43.16 11.72
N GLU C 142 -1.17 -43.69 12.11
CA GLU C 142 -1.04 -45.10 12.43
C GLU C 142 -1.86 -45.47 13.68
N GLU C 143 -1.63 -44.78 14.79
CA GLU C 143 -2.37 -45.07 16.02
C GLU C 143 -3.86 -44.87 15.79
N LEU C 144 -4.21 -43.73 15.22
CA LEU C 144 -5.59 -43.40 14.94
C LEU C 144 -6.29 -44.57 14.23
N LYS C 145 -5.57 -45.23 13.32
CA LYS C 145 -6.12 -46.38 12.60
C LYS C 145 -6.29 -47.58 13.52
N ARG C 146 -5.40 -47.71 14.51
CA ARG C 146 -5.48 -48.81 15.47
C ARG C 146 -6.69 -48.52 16.35
N GLU C 147 -6.97 -47.23 16.54
CA GLU C 147 -8.08 -46.77 17.34
C GLU C 147 -9.40 -46.85 16.58
N GLY C 148 -9.40 -47.51 15.44
CA GLY C 148 -10.61 -47.66 14.66
C GLY C 148 -11.04 -46.50 13.78
N ARG C 149 -10.19 -45.51 13.60
CA ARG C 149 -10.55 -44.38 12.75
C ARG C 149 -9.89 -44.49 11.38
N LYS C 150 -10.52 -43.90 10.37
CA LYS C 150 -9.98 -43.96 9.02
C LYS C 150 -9.33 -42.62 8.65
N PRO C 151 -7.99 -42.58 8.73
CA PRO C 151 -7.18 -41.40 8.41
C PRO C 151 -6.81 -41.22 6.94
N TYR C 152 -6.60 -39.96 6.55
CA TYR C 152 -6.21 -39.62 5.19
C TYR C 152 -5.04 -38.63 5.32
N VAL C 153 -3.89 -39.01 4.83
CA VAL C 153 -2.72 -38.15 4.93
C VAL C 153 -2.46 -37.47 3.58
N ILE C 154 -2.07 -36.20 3.65
CA ILE C 154 -1.79 -35.41 2.46
C ILE C 154 -0.35 -34.94 2.57
N PRO C 155 0.47 -35.20 1.53
CA PRO C 155 1.87 -34.77 1.56
C PRO C 155 1.95 -33.23 1.62
N PRO C 156 3.16 -32.70 1.83
CA PRO C 156 3.40 -31.25 1.90
C PRO C 156 2.89 -30.51 0.65
N GLY C 157 2.27 -29.36 0.87
CA GLY C 157 1.74 -28.56 -0.23
C GLY C 157 0.72 -29.26 -1.11
N GLY C 158 0.32 -30.45 -0.71
CA GLY C 158 -0.65 -31.22 -1.47
C GLY C 158 -0.04 -31.88 -2.70
N ALA C 159 1.29 -32.01 -2.70
CA ALA C 159 2.01 -32.60 -3.82
C ALA C 159 1.74 -34.09 -4.01
N SER C 160 0.47 -34.44 -4.18
CA SER C 160 0.04 -35.82 -4.37
C SER C 160 -0.32 -35.97 -5.86
N PRO C 161 -0.24 -37.19 -6.41
CA PRO C 161 -0.58 -37.30 -7.83
C PRO C 161 -2.03 -36.92 -8.10
N ILE C 162 -2.94 -37.24 -7.19
CA ILE C 162 -4.33 -36.87 -7.41
C ILE C 162 -4.57 -35.39 -7.09
N GLY C 163 -3.79 -34.86 -6.16
CA GLY C 163 -3.91 -33.46 -5.81
C GLY C 163 -3.53 -32.66 -7.04
N THR C 164 -2.55 -33.19 -7.78
CA THR C 164 -2.09 -32.53 -8.98
C THR C 164 -3.18 -32.39 -10.07
N LEU C 165 -4.20 -33.23 -10.03
CA LEU C 165 -5.27 -33.14 -11.02
C LEU C 165 -5.94 -31.75 -10.93
N GLY C 166 -5.82 -31.12 -9.77
CA GLY C 166 -6.38 -29.80 -9.58
C GLY C 166 -5.96 -28.83 -10.69
N TYR C 167 -4.67 -28.77 -10.98
CA TYR C 167 -4.27 -27.88 -12.04
C TYR C 167 -4.39 -28.43 -13.45
N VAL C 168 -4.66 -29.73 -13.57
CA VAL C 168 -4.87 -30.24 -14.90
C VAL C 168 -6.24 -29.69 -15.30
N ARG C 169 -7.16 -29.72 -14.34
CA ARG C 169 -8.50 -29.21 -14.53
C ARG C 169 -8.42 -27.68 -14.69
N ALA C 170 -7.42 -27.06 -14.07
CA ALA C 170 -7.26 -25.61 -14.21
C ALA C 170 -6.99 -25.22 -15.70
N VAL C 171 -6.14 -25.97 -16.40
CA VAL C 171 -5.91 -25.59 -17.80
C VAL C 171 -7.20 -25.79 -18.57
N GLY C 172 -8.02 -26.75 -18.13
CA GLY C 172 -9.27 -26.97 -18.82
C GLY C 172 -10.16 -25.74 -18.76
N GLU C 173 -10.23 -25.15 -17.56
CA GLU C 173 -11.03 -23.95 -17.30
C GLU C 173 -10.42 -22.77 -18.05
N ILE C 174 -9.10 -22.59 -17.95
CA ILE C 174 -8.46 -21.50 -18.68
C ILE C 174 -8.75 -21.59 -20.18
N ALA C 175 -8.60 -22.79 -20.74
CA ALA C 175 -8.85 -23.01 -22.16
C ALA C 175 -10.27 -22.66 -22.52
N THR C 176 -11.18 -22.71 -21.54
CA THR C 176 -12.60 -22.41 -21.80
C THR C 176 -12.96 -20.93 -21.72
N GLN C 177 -12.49 -20.25 -20.70
CA GLN C 177 -12.82 -18.84 -20.52
C GLN C 177 -11.98 -17.83 -21.30
N SER C 178 -10.70 -18.12 -21.48
CA SER C 178 -9.77 -17.19 -22.12
C SER C 178 -9.83 -16.87 -23.60
N GLU C 179 -9.99 -15.58 -23.89
CA GLU C 179 -10.04 -15.10 -25.26
C GLU C 179 -8.61 -15.37 -25.77
N VAL C 180 -7.68 -14.62 -25.18
CA VAL C 180 -6.26 -14.66 -25.48
C VAL C 180 -5.58 -16.01 -25.50
N LYS C 181 -4.62 -16.16 -26.40
CA LYS C 181 -3.85 -17.38 -26.44
C LYS C 181 -2.42 -16.98 -26.05
N PHE C 182 -2.00 -17.47 -24.90
CA PHE C 182 -0.70 -17.16 -24.35
C PHE C 182 0.44 -17.98 -24.92
N ASP C 183 1.65 -17.46 -24.73
CA ASP C 183 2.85 -18.15 -25.20
C ASP C 183 3.41 -18.90 -24.00
N SER C 184 3.24 -18.31 -22.83
CA SER C 184 3.72 -18.90 -21.59
C SER C 184 2.74 -18.64 -20.44
N ILE C 185 2.86 -19.49 -19.41
CA ILE C 185 2.05 -19.43 -18.21
C ILE C 185 3.04 -19.54 -17.06
N VAL C 186 3.08 -18.51 -16.22
CA VAL C 186 4.03 -18.49 -15.14
C VAL C 186 3.39 -18.75 -13.78
N VAL C 187 4.01 -19.62 -13.01
CA VAL C 187 3.49 -19.94 -11.70
C VAL C 187 4.63 -20.12 -10.70
N ALA C 188 4.38 -19.72 -9.45
CA ALA C 188 5.38 -19.92 -8.41
C ALA C 188 5.50 -21.45 -8.23
N ALA C 189 6.63 -21.91 -7.73
CA ALA C 189 6.86 -23.34 -7.53
C ALA C 189 7.53 -23.65 -6.21
N GLY C 190 6.77 -24.32 -5.32
CA GLY C 190 7.27 -24.70 -4.02
C GLY C 190 7.51 -26.19 -4.17
N SER C 191 6.44 -26.98 -4.18
CA SER C 191 6.56 -28.44 -4.35
C SER C 191 6.63 -28.73 -5.85
N GLY C 192 6.03 -27.84 -6.65
CA GLY C 192 6.03 -28.02 -8.09
C GLY C 192 4.77 -28.73 -8.54
N GLY C 193 3.87 -28.98 -7.60
CA GLY C 193 2.64 -29.67 -7.93
C GLY C 193 1.73 -28.92 -8.88
N THR C 194 1.62 -27.61 -8.69
CA THR C 194 0.78 -26.77 -9.54
C THR C 194 1.37 -26.75 -10.95
N LEU C 195 2.66 -26.43 -11.02
CA LEU C 195 3.40 -26.42 -12.26
C LEU C 195 3.21 -27.76 -13.00
N ALA C 196 3.21 -28.87 -12.26
CA ALA C 196 3.02 -30.22 -12.83
C ALA C 196 1.66 -30.37 -13.50
N GLY C 197 0.61 -29.97 -12.78
CA GLY C 197 -0.74 -30.03 -13.31
C GLY C 197 -0.91 -29.19 -14.55
N LEU C 198 -0.24 -28.05 -14.60
CA LEU C 198 -0.33 -27.15 -15.75
C LEU C 198 0.37 -27.78 -16.95
N SER C 199 1.54 -28.39 -16.72
CA SER C 199 2.29 -29.06 -17.78
C SER C 199 1.44 -30.16 -18.36
N LEU C 200 1.00 -31.04 -17.48
CA LEU C 200 0.18 -32.17 -17.87
C LEU C 200 -1.02 -31.69 -18.65
N GLY C 201 -1.70 -30.68 -18.12
CA GLY C 201 -2.88 -30.17 -18.78
C GLY C 201 -2.61 -29.59 -20.16
N LEU C 202 -1.52 -28.84 -20.26
CA LEU C 202 -1.16 -28.21 -21.53
C LEU C 202 -0.74 -29.29 -22.51
N SER C 203 -0.05 -30.29 -21.99
CA SER C 203 0.43 -31.41 -22.78
C SER C 203 -0.74 -32.20 -23.33
N ILE C 204 -1.76 -32.39 -22.50
CA ILE C 204 -2.95 -33.12 -22.89
C ILE C 204 -3.69 -32.37 -24.00
N LEU C 205 -3.69 -31.06 -23.91
CA LEU C 205 -4.41 -30.26 -24.91
C LEU C 205 -3.58 -30.02 -26.15
N ASN C 206 -2.30 -30.38 -26.08
CA ASN C 206 -1.42 -30.19 -27.21
C ASN C 206 -1.36 -28.71 -27.58
N GLU C 207 -0.81 -27.94 -26.65
CA GLU C 207 -0.67 -26.51 -26.83
C GLU C 207 0.81 -26.18 -26.74
N ASP C 208 1.33 -25.46 -27.73
CA ASP C 208 2.74 -25.08 -27.61
C ASP C 208 2.73 -23.81 -26.78
N ILE C 209 2.35 -23.98 -25.51
CA ILE C 209 2.30 -22.92 -24.53
C ILE C 209 3.27 -23.39 -23.48
N ARG C 210 4.22 -22.54 -23.12
CA ARG C 210 5.22 -22.94 -22.13
C ARG C 210 4.83 -22.79 -20.67
N PRO C 211 4.84 -23.92 -19.95
CA PRO C 211 4.51 -23.89 -18.53
C PRO C 211 5.82 -23.56 -17.85
N VAL C 212 5.88 -22.40 -17.23
CA VAL C 212 7.10 -21.93 -16.59
C VAL C 212 7.02 -21.77 -15.09
N GLY C 213 7.87 -22.51 -14.40
CA GLY C 213 7.92 -22.42 -12.97
C GLY C 213 9.06 -21.55 -12.45
N ILE C 214 8.78 -20.88 -11.35
CA ILE C 214 9.75 -20.03 -10.68
C ILE C 214 9.96 -20.67 -9.30
N ALA C 215 11.02 -21.46 -9.19
CA ALA C 215 11.35 -22.08 -7.92
C ALA C 215 11.52 -20.94 -6.91
N VAL C 216 11.03 -21.13 -5.67
CA VAL C 216 11.17 -20.09 -4.64
C VAL C 216 11.92 -20.61 -3.43
N GLY C 217 12.54 -21.77 -3.60
CA GLY C 217 13.30 -22.40 -2.53
C GLY C 217 14.25 -23.45 -3.09
N ARG C 218 14.49 -24.49 -2.29
CA ARG C 218 15.39 -25.59 -2.65
C ARG C 218 15.17 -26.06 -4.08
N PHE C 219 16.24 -26.03 -4.87
CA PHE C 219 16.18 -26.45 -6.26
C PHE C 219 17.02 -27.71 -6.46
N GLY C 220 18.09 -27.59 -7.25
CA GLY C 220 18.97 -28.73 -7.52
C GLY C 220 18.31 -29.94 -8.15
N GLU C 221 18.86 -31.12 -7.87
CA GLU C 221 18.32 -32.37 -8.42
C GLU C 221 17.21 -32.93 -7.52
N VAL C 222 17.40 -32.83 -6.21
CA VAL C 222 16.39 -33.32 -5.28
C VAL C 222 15.02 -32.81 -5.74
N MET C 223 14.94 -31.50 -5.99
CA MET C 223 13.71 -30.87 -6.44
C MET C 223 13.27 -31.49 -7.77
N THR C 224 14.00 -31.17 -8.83
CA THR C 224 13.69 -31.65 -10.15
C THR C 224 13.34 -33.15 -10.20
N SER C 225 13.81 -33.90 -9.21
CA SER C 225 13.56 -35.34 -9.15
C SER C 225 12.08 -35.64 -8.91
N LYS C 226 11.60 -35.34 -7.70
CA LYS C 226 10.21 -35.58 -7.34
C LYS C 226 9.26 -34.96 -8.34
N LEU C 227 9.61 -33.75 -8.80
CA LEU C 227 8.76 -33.07 -9.76
C LEU C 227 8.48 -33.99 -10.94
N ASP C 228 9.52 -34.64 -11.46
CA ASP C 228 9.38 -35.56 -12.58
C ASP C 228 8.55 -36.79 -12.20
N ASN C 229 8.74 -37.27 -10.97
CA ASN C 229 7.99 -38.41 -10.48
C ASN C 229 6.52 -37.99 -10.41
N LEU C 230 6.29 -36.77 -9.94
CA LEU C 230 4.94 -36.22 -9.84
C LEU C 230 4.22 -36.19 -11.19
N ILE C 231 4.92 -35.71 -12.21
CA ILE C 231 4.35 -35.59 -13.53
C ILE C 231 4.07 -36.94 -14.16
N LYS C 232 5.03 -37.87 -14.09
CA LYS C 232 4.78 -39.19 -14.67
C LYS C 232 3.65 -39.85 -13.89
N GLU C 233 3.70 -39.81 -12.56
CA GLU C 233 2.65 -40.41 -11.74
C GLU C 233 1.26 -39.82 -12.02
N ALA C 234 1.18 -38.50 -12.21
CA ALA C 234 -0.09 -37.85 -12.52
C ALA C 234 -0.57 -38.32 -13.88
N ALA C 235 0.39 -38.44 -14.79
CA ALA C 235 0.10 -38.90 -16.14
C ALA C 235 -0.46 -40.33 -16.08
N GLU C 236 0.23 -41.22 -15.35
CA GLU C 236 -0.22 -42.60 -15.22
C GLU C 236 -1.67 -42.64 -14.78
N LEU C 237 -2.02 -41.85 -13.77
CA LEU C 237 -3.38 -41.81 -13.27
C LEU C 237 -4.36 -41.48 -14.39
N LEU C 238 -3.93 -40.61 -15.29
CA LEU C 238 -4.79 -40.19 -16.38
C LEU C 238 -4.71 -41.16 -17.54
N GLY C 239 -3.65 -41.96 -17.58
CA GLY C 239 -3.45 -42.91 -18.66
C GLY C 239 -3.05 -42.12 -19.89
N VAL C 240 -2.30 -41.05 -19.66
CA VAL C 240 -1.86 -40.17 -20.72
C VAL C 240 -0.36 -40.16 -20.96
N LYS C 241 0.00 -39.74 -22.18
CA LYS C 241 1.37 -39.63 -22.67
C LYS C 241 2.15 -38.46 -22.06
N VAL C 242 3.09 -38.76 -21.17
CA VAL C 242 3.90 -37.72 -20.53
C VAL C 242 4.88 -37.06 -21.50
N GLU C 243 4.51 -35.90 -22.04
CA GLU C 243 5.33 -35.14 -22.99
C GLU C 243 6.71 -34.71 -22.51
N VAL C 244 7.11 -33.49 -22.88
CA VAL C 244 8.41 -32.97 -22.51
C VAL C 244 8.32 -32.07 -21.26
N ARG C 245 9.41 -32.04 -20.51
CA ARG C 245 9.53 -31.27 -19.27
C ARG C 245 9.12 -29.79 -19.35
N PRO C 246 8.70 -29.23 -18.22
CA PRO C 246 8.28 -27.84 -18.10
C PRO C 246 9.50 -27.05 -17.63
N GLU C 247 9.50 -25.74 -17.85
CA GLU C 247 10.64 -24.91 -17.43
C GLU C 247 10.63 -24.56 -15.95
N LEU C 248 11.81 -24.34 -15.38
CA LEU C 248 11.91 -24.01 -13.98
C LEU C 248 13.10 -23.09 -13.76
N TYR C 249 12.86 -21.90 -13.21
CA TYR C 249 13.92 -20.91 -12.94
C TYR C 249 14.05 -20.56 -11.48
N ASP C 250 15.27 -20.45 -10.97
CA ASP C 250 15.49 -20.13 -9.57
C ASP C 250 15.40 -18.64 -9.30
N TYR C 251 14.51 -18.27 -8.37
CA TYR C 251 14.35 -16.89 -7.97
C TYR C 251 14.02 -16.86 -6.50
N SER C 252 14.72 -17.71 -5.74
CA SER C 252 14.52 -17.84 -4.30
C SER C 252 15.22 -16.75 -3.49
N PHE C 253 16.22 -16.09 -4.09
CA PHE C 253 16.98 -15.04 -3.41
C PHE C 253 17.65 -15.62 -2.20
N GLY C 254 18.17 -16.83 -2.35
CA GLY C 254 18.82 -17.49 -1.25
C GLY C 254 18.06 -18.76 -0.91
N GLU C 255 17.44 -18.80 0.26
CA GLU C 255 16.68 -19.98 0.65
C GLU C 255 15.18 -19.70 0.58
N TYR C 256 14.37 -20.72 0.89
CA TYR C 256 12.92 -20.56 0.85
C TYR C 256 12.58 -19.68 2.05
N GLY C 257 11.71 -18.70 1.84
CA GLY C 257 11.30 -17.83 2.92
C GLY C 257 12.07 -16.53 3.08
N LYS C 258 13.26 -16.46 2.48
CA LYS C 258 14.10 -15.26 2.57
C LYS C 258 13.40 -14.05 1.96
N ILE C 259 13.11 -13.05 2.79
CA ILE C 259 12.43 -11.83 2.34
C ILE C 259 13.48 -10.80 1.90
N THR C 260 13.35 -10.32 0.67
CA THR C 260 14.31 -9.39 0.14
C THR C 260 13.71 -8.08 -0.38
N GLY C 261 14.51 -7.01 -0.32
CA GLY C 261 14.04 -5.72 -0.79
C GLY C 261 13.50 -5.77 -2.20
N GLU C 262 14.04 -6.63 -3.04
CA GLU C 262 13.54 -6.70 -4.42
C GLU C 262 12.12 -7.22 -4.41
N VAL C 263 11.84 -8.17 -3.51
CA VAL C 263 10.51 -8.73 -3.39
C VAL C 263 9.61 -7.71 -2.72
N ALA C 264 10.09 -7.10 -1.63
CA ALA C 264 9.28 -6.09 -0.96
C ALA C 264 8.93 -5.00 -1.98
N GLN C 265 9.81 -4.80 -2.94
CA GLN C 265 9.61 -3.77 -3.95
C GLN C 265 8.59 -4.17 -5.01
N ILE C 266 8.51 -5.46 -5.34
CA ILE C 266 7.55 -5.92 -6.34
C ILE C 266 6.12 -5.86 -5.74
N ILE C 267 6.01 -6.21 -4.46
CA ILE C 267 4.76 -6.19 -3.72
C ILE C 267 4.13 -4.78 -3.75
N ARG C 268 4.96 -3.77 -3.46
CA ARG C 268 4.51 -2.39 -3.47
C ARG C 268 4.13 -1.92 -4.87
N LYS C 269 4.90 -2.33 -5.88
CA LYS C 269 4.61 -1.90 -7.24
C LYS C 269 3.36 -2.54 -7.83
N VAL C 270 3.19 -3.84 -7.64
CA VAL C 270 2.00 -4.49 -8.16
C VAL C 270 0.79 -3.95 -7.37
N GLY C 271 0.97 -3.76 -6.07
CA GLY C 271 -0.11 -3.20 -5.27
C GLY C 271 -0.55 -1.80 -5.72
N THR C 272 0.39 -0.87 -5.86
CA THR C 272 0.05 0.50 -6.28
C THR C 272 -0.20 0.67 -7.77
N ARG C 273 0.32 -0.23 -8.59
CA ARG C 273 0.12 -0.09 -10.02
C ARG C 273 -0.99 -0.96 -10.61
N GLU C 274 -1.33 -2.05 -9.94
CA GLU C 274 -2.39 -2.91 -10.46
C GLU C 274 -3.53 -3.13 -9.45
N GLY C 275 -3.25 -2.88 -8.18
CA GLY C 275 -4.28 -3.04 -7.17
C GLY C 275 -4.35 -4.46 -6.68
N ILE C 276 -3.28 -5.20 -6.89
CA ILE C 276 -3.24 -6.60 -6.49
C ILE C 276 -2.12 -6.88 -5.49
N ILE C 277 -2.46 -7.58 -4.41
CA ILE C 277 -1.54 -7.88 -3.35
C ILE C 277 -0.83 -9.22 -3.48
N LEU C 278 0.49 -9.19 -3.62
CA LEU C 278 1.26 -10.41 -3.73
C LEU C 278 1.88 -10.71 -2.36
N ASP C 279 2.52 -11.87 -2.22
CA ASP C 279 3.13 -12.24 -0.95
C ASP C 279 4.64 -12.44 -1.19
N PRO C 280 5.44 -12.25 -0.14
CA PRO C 280 6.91 -12.37 -0.15
C PRO C 280 7.55 -13.72 -0.40
N VAL C 281 6.88 -14.81 -0.01
CA VAL C 281 7.47 -16.13 -0.19
C VAL C 281 7.18 -16.82 -1.52
N TYR C 282 5.99 -16.59 -2.08
CA TYR C 282 5.61 -17.23 -3.35
C TYR C 282 5.35 -16.35 -4.57
N THR C 283 4.19 -15.70 -4.59
CA THR C 283 3.83 -14.90 -5.75
C THR C 283 4.78 -13.73 -6.07
N GLY C 284 5.36 -13.12 -5.03
CA GLY C 284 6.28 -12.00 -5.24
C GLY C 284 7.57 -12.39 -5.94
N LYS C 285 8.16 -13.50 -5.52
CA LYS C 285 9.37 -13.98 -6.14
C LYS C 285 9.03 -14.47 -7.56
N ALA C 286 7.91 -15.19 -7.69
CA ALA C 286 7.51 -15.70 -9.00
C ALA C 286 7.22 -14.58 -9.97
N PHE C 287 6.58 -13.51 -9.51
CA PHE C 287 6.25 -12.38 -10.38
C PHE C 287 7.53 -11.60 -10.69
N TYR C 288 8.43 -11.55 -9.72
CA TYR C 288 9.71 -10.92 -9.93
C TYR C 288 10.37 -11.67 -11.11
N GLY C 289 10.42 -12.99 -10.99
CA GLY C 289 11.01 -13.81 -12.04
C GLY C 289 10.31 -13.58 -13.36
N LEU C 290 9.01 -13.29 -13.30
CA LEU C 290 8.26 -13.05 -14.53
C LEU C 290 8.75 -11.77 -15.23
N VAL C 291 8.89 -10.70 -14.45
CA VAL C 291 9.33 -9.42 -14.99
C VAL C 291 10.77 -9.54 -15.53
N ASP C 292 11.61 -10.22 -14.78
CA ASP C 292 13.00 -10.44 -15.15
C ASP C 292 13.12 -11.21 -16.48
N LEU C 293 12.39 -12.31 -16.62
CA LEU C 293 12.44 -13.10 -17.84
C LEU C 293 11.72 -12.43 -19.01
N ALA C 294 10.69 -11.64 -18.72
CA ALA C 294 9.95 -10.98 -19.79
C ALA C 294 10.78 -9.87 -20.44
N ARG C 295 11.50 -9.12 -19.62
CA ARG C 295 12.32 -8.03 -20.12
C ARG C 295 13.41 -8.58 -21.02
N LYS C 296 13.91 -9.76 -20.66
CA LYS C 296 14.94 -10.44 -21.44
C LYS C 296 14.27 -11.02 -22.67
N GLY C 297 12.95 -10.86 -22.76
CA GLY C 297 12.19 -11.39 -23.88
C GLY C 297 12.08 -12.91 -23.86
N GLU C 298 12.34 -13.50 -22.70
CA GLU C 298 12.31 -14.95 -22.52
C GLU C 298 10.95 -15.60 -22.20
N LEU C 299 9.85 -14.86 -22.35
CA LEU C 299 8.55 -15.43 -22.05
C LEU C 299 7.56 -15.32 -23.19
N GLY C 300 7.94 -14.63 -24.24
CA GLY C 300 7.04 -14.49 -25.37
C GLY C 300 6.35 -13.14 -25.32
N GLU C 301 5.27 -13.00 -26.07
CA GLU C 301 4.54 -11.75 -26.12
C GLU C 301 3.32 -11.67 -25.17
N LYS C 302 2.59 -12.78 -25.09
CA LYS C 302 1.38 -12.89 -24.28
C LYS C 302 1.67 -13.84 -23.12
N ILE C 303 1.70 -13.30 -21.91
CA ILE C 303 2.00 -14.10 -20.72
C ILE C 303 0.81 -14.15 -19.77
N LEU C 304 0.66 -15.29 -19.08
CA LEU C 304 -0.42 -15.48 -18.10
C LEU C 304 0.25 -15.85 -16.80
N PHE C 305 0.09 -15.01 -15.79
CA PHE C 305 0.66 -15.31 -14.48
C PHE C 305 -0.46 -15.87 -13.62
N ILE C 306 -0.19 -16.95 -12.92
CA ILE C 306 -1.23 -17.50 -12.06
C ILE C 306 -1.04 -17.01 -10.63
N HIS C 307 -2.01 -16.25 -10.17
CA HIS C 307 -1.94 -15.73 -8.81
C HIS C 307 -2.41 -16.89 -7.98
N THR C 308 -1.48 -17.48 -7.23
CA THR C 308 -1.77 -18.62 -6.39
C THR C 308 -2.09 -18.31 -4.93
N GLY C 309 -2.26 -17.02 -4.60
CA GLY C 309 -2.60 -16.62 -3.23
C GLY C 309 -1.46 -16.11 -2.37
N GLY C 310 -1.52 -16.42 -1.08
CA GLY C 310 -0.47 -16.01 -0.16
C GLY C 310 -0.69 -14.74 0.65
N ILE C 311 -1.86 -14.13 0.56
CA ILE C 311 -2.10 -12.91 1.31
C ILE C 311 -1.67 -13.03 2.77
N SER C 312 -1.95 -14.16 3.42
CA SER C 312 -1.52 -14.33 4.79
C SER C 312 -0.03 -14.03 4.98
N GLY C 313 0.79 -14.32 3.98
CA GLY C 313 2.22 -14.09 4.13
C GLY C 313 2.55 -12.62 4.26
N THR C 314 1.80 -11.78 3.55
CA THR C 314 2.01 -10.35 3.59
C THR C 314 1.73 -9.81 4.98
N PHE C 315 0.64 -10.28 5.59
CA PHE C 315 0.29 -9.86 6.93
C PHE C 315 1.33 -10.39 7.89
N HIS C 316 1.59 -11.68 7.80
CA HIS C 316 2.58 -12.35 8.65
C HIS C 316 3.96 -11.70 8.61
N TYR C 317 4.41 -11.23 7.45
CA TYR C 317 5.73 -10.62 7.38
C TYR C 317 5.78 -9.12 7.08
N GLY C 318 4.74 -8.40 7.48
CA GLY C 318 4.67 -6.96 7.25
C GLY C 318 5.85 -6.14 7.73
N ASP C 319 6.28 -6.35 8.98
CA ASP C 319 7.39 -5.61 9.51
C ASP C 319 8.64 -5.82 8.68
C ASP C 319 8.64 -5.81 8.68
N LYS C 320 9.02 -7.08 8.53
CA LYS C 320 10.18 -7.45 7.73
C LYS C 320 10.14 -6.67 6.42
N LEU C 321 9.00 -6.69 5.76
CA LEU C 321 8.86 -5.97 4.49
C LEU C 321 9.13 -4.49 4.65
N LEU C 322 8.45 -3.87 5.61
CA LEU C 322 8.62 -2.44 5.88
C LEU C 322 10.08 -2.11 6.10
N SER C 323 10.72 -2.87 6.98
CA SER C 323 12.12 -2.66 7.30
C SER C 323 13.01 -2.70 6.05
N LEU C 324 12.49 -3.22 4.94
CA LEU C 324 13.25 -3.32 3.71
C LEU C 324 12.78 -2.32 2.67
N LEU C 325 11.83 -1.48 3.07
CA LEU C 325 11.29 -0.47 2.18
C LEU C 325 11.67 0.96 2.61
#